data_1LRH
#
_entry.id   1LRH
#
_cell.length_a   61.583
_cell.length_b   82.433
_cell.length_c   69.962
_cell.angle_alpha   90.00
_cell.angle_beta   94.37
_cell.angle_gamma   90.00
#
_symmetry.space_group_name_H-M   'P 1 21 1'
#
loop_
_entity.id
_entity.type
_entity.pdbx_description
1 polymer 'auxin-binding protein 1'
2 branched alpha-D-mannopyranose-(1-3)-[alpha-D-mannopyranose-(1-6)]alpha-D-mannopyranose-(1-6)-beta-D-mannopyranose-(1-4)-2-acetamido-2-deoxy-beta-D-glucopyranose-(1-4)-2-acetamido-2-deoxy-beta-D-glucopyranose
3 non-polymer 'ZINC ION'
4 non-polymer 'NAPHTHALEN-1-YL-ACETIC ACID'
5 water water
#
_entity_poly.entity_id   1
_entity_poly.type   'polypeptide(L)'
_entity_poly.pdbx_seq_one_letter_code
;SCVRDNSLVRDISQMPQSSYGIEGLSHITVAGALNHGMKEVEVWLQTISPGQRTPIHRHSCEEVFTVLKGKGTLLMGSSS
LKYPGQPQEIPFFQNTTFSIPVNDPHQVWNSDEHEDLQVLVIISRPPAKIFLYDDWSMPHTAAVLKFPFVWDEDCFEAAK
EQL
;
_entity_poly.pdbx_strand_id   A,B,C,D
#
loop_
_chem_comp.id
_chem_comp.type
_chem_comp.name
_chem_comp.formula
BMA D-saccharide, beta linking beta-D-mannopyranose 'C6 H12 O6'
MAN D-saccharide, alpha linking alpha-D-mannopyranose 'C6 H12 O6'
NAG D-saccharide, beta linking 2-acetamido-2-deoxy-beta-D-glucopyranose 'C8 H15 N O6'
NLA non-polymer 'NAPHTHALEN-1-YL-ACETIC ACID' 'C12 H10 O2'
ZN non-polymer 'ZINC ION' 'Zn 2'
#
# COMPACT_ATOMS: atom_id res chain seq x y z
N SER A 1 -17.99 -20.16 31.39
CA SER A 1 -18.87 -19.43 30.45
C SER A 1 -18.10 -18.29 29.78
N CYS A 2 -18.66 -17.80 28.70
CA CYS A 2 -18.06 -16.69 27.98
C CYS A 2 -18.36 -15.38 28.73
N VAL A 3 -17.32 -14.60 28.99
CA VAL A 3 -17.60 -13.30 29.64
C VAL A 3 -17.27 -12.23 28.62
N ARG A 4 -18.24 -11.52 28.09
CA ARG A 4 -18.13 -10.43 27.17
C ARG A 4 -18.28 -9.16 27.98
N ASP A 5 -17.44 -8.16 27.75
CA ASP A 5 -17.61 -6.92 28.52
C ASP A 5 -17.44 -5.76 27.55
N ASN A 6 -18.53 -5.07 27.24
CA ASN A 6 -18.51 -3.95 26.32
C ASN A 6 -18.20 -2.63 27.05
N SER A 7 -17.81 -2.66 28.30
CA SER A 7 -17.46 -1.44 29.01
C SER A 7 -16.12 -0.85 28.56
N LEU A 8 -16.09 0.49 28.58
CA LEU A 8 -14.88 1.24 28.24
C LEU A 8 -13.74 1.06 29.24
N VAL A 9 -14.00 1.35 30.53
CA VAL A 9 -12.97 1.18 31.55
C VAL A 9 -13.29 -0.06 32.39
N ARG A 10 -12.37 -1.02 32.49
CA ARG A 10 -12.62 -2.23 33.27
C ARG A 10 -11.60 -2.49 34.35
N ASP A 11 -11.99 -3.03 35.50
CA ASP A 11 -11.03 -3.45 36.53
C ASP A 11 -10.53 -4.88 36.24
N ILE A 12 -9.24 -4.99 35.97
CA ILE A 12 -8.61 -6.26 35.62
C ILE A 12 -8.73 -7.31 36.73
N SER A 13 -8.71 -6.93 38.00
CA SER A 13 -8.88 -7.86 39.12
C SER A 13 -10.31 -8.41 39.18
N GLN A 14 -11.24 -7.90 38.37
CA GLN A 14 -12.60 -8.46 38.36
C GLN A 14 -12.86 -9.23 37.08
N MET A 15 -11.92 -9.38 36.16
CA MET A 15 -12.12 -10.20 34.96
C MET A 15 -11.70 -11.60 35.38
N PRO A 16 -12.54 -12.60 35.23
CA PRO A 16 -12.32 -13.90 35.82
C PRO A 16 -11.13 -14.63 35.27
N GLN A 17 -10.24 -15.10 36.13
CA GLN A 17 -9.05 -15.79 35.69
C GLN A 17 -9.35 -17.28 35.79
N SER A 18 -8.57 -18.07 35.08
CA SER A 18 -8.68 -19.52 35.16
C SER A 18 -7.40 -20.11 34.63
N SER A 19 -7.18 -21.39 34.92
CA SER A 19 -6.08 -22.12 34.37
C SER A 19 -6.53 -22.65 32.99
N TYR A 20 -7.84 -22.72 32.74
CA TYR A 20 -8.38 -23.40 31.56
C TYR A 20 -7.83 -24.81 31.46
N GLY A 21 -7.62 -25.54 32.55
CA GLY A 21 -7.09 -26.89 32.54
C GLY A 21 -5.60 -27.03 32.31
N ILE A 22 -4.87 -25.92 32.25
CA ILE A 22 -3.43 -25.89 32.09
C ILE A 22 -2.80 -25.71 33.47
N GLU A 23 -2.17 -26.78 33.95
CA GLU A 23 -1.63 -26.78 35.31
C GLU A 23 -0.58 -25.72 35.57
N GLY A 24 -0.81 -24.97 36.66
CA GLY A 24 0.12 -23.90 37.07
C GLY A 24 -0.13 -22.60 36.30
N LEU A 25 -1.10 -22.57 35.38
CA LEU A 25 -1.39 -21.34 34.65
C LEU A 25 -2.51 -20.57 35.35
N SER A 26 -2.45 -19.24 35.24
CA SER A 26 -3.59 -18.40 35.63
C SER A 26 -3.72 -17.36 34.51
N HIS A 27 -4.78 -17.33 33.72
CA HIS A 27 -4.87 -16.41 32.59
C HIS A 27 -6.07 -15.47 32.64
N ILE A 28 -5.90 -14.23 32.24
CA ILE A 28 -6.98 -13.27 32.05
C ILE A 28 -6.76 -12.59 30.68
N THR A 29 -7.79 -12.57 29.85
CA THR A 29 -7.72 -11.79 28.61
C THR A 29 -8.12 -10.37 28.97
N VAL A 30 -7.17 -9.46 28.98
CA VAL A 30 -7.38 -8.07 29.42
C VAL A 30 -8.22 -7.30 28.42
N ALA A 31 -7.97 -7.52 27.11
CA ALA A 31 -8.66 -6.86 26.03
C ALA A 31 -8.54 -7.77 24.80
N GLY A 32 -9.66 -8.33 24.33
CA GLY A 32 -9.50 -9.26 23.20
C GLY A 32 -10.61 -9.22 22.17
N ALA A 33 -10.40 -10.02 21.14
CA ALA A 33 -11.35 -10.18 20.06
C ALA A 33 -12.70 -10.70 20.56
N LEU A 34 -12.79 -11.94 20.98
CA LEU A 34 -14.12 -12.49 21.33
C LEU A 34 -14.70 -11.86 22.59
N ASN A 35 -13.81 -11.57 23.57
CA ASN A 35 -14.38 -11.05 24.83
C ASN A 35 -14.83 -9.59 24.74
N HIS A 36 -14.06 -8.73 24.02
CA HIS A 36 -14.33 -7.28 24.03
C HIS A 36 -14.47 -6.66 22.64
N GLY A 37 -14.34 -7.42 21.56
CA GLY A 37 -14.47 -6.86 20.21
C GLY A 37 -13.22 -6.37 19.54
N MET A 38 -12.02 -6.50 20.11
CA MET A 38 -10.81 -6.05 19.42
C MET A 38 -10.62 -6.70 18.05
N LYS A 39 -9.97 -5.99 17.10
CA LYS A 39 -9.76 -6.55 15.77
C LYS A 39 -8.33 -6.68 15.33
N GLU A 40 -7.45 -5.86 15.95
CA GLU A 40 -6.07 -5.71 15.57
C GLU A 40 -5.06 -6.14 16.61
N VAL A 41 -5.36 -5.99 17.89
CA VAL A 41 -4.46 -6.40 18.95
C VAL A 41 -5.22 -7.12 20.06
N GLU A 42 -4.54 -7.97 20.82
CA GLU A 42 -5.23 -8.64 21.98
C GLU A 42 -4.16 -8.76 23.07
N VAL A 43 -4.57 -8.53 24.31
CA VAL A 43 -3.69 -8.43 25.47
C VAL A 43 -4.07 -9.43 26.55
N TRP A 44 -3.09 -10.23 26.98
CA TRP A 44 -3.38 -11.19 28.06
C TRP A 44 -2.53 -10.89 29.29
N LEU A 45 -2.96 -11.37 30.47
CA LEU A 45 -2.12 -11.22 31.67
C LEU A 45 -1.99 -12.68 32.14
N GLN A 46 -0.81 -13.22 32.32
CA GLN A 46 -0.64 -14.63 32.63
C GLN A 46 0.28 -14.86 33.80
N THR A 47 -0.01 -15.74 34.75
CA THR A 47 0.99 -16.01 35.77
C THR A 47 1.36 -17.50 35.69
N ILE A 48 2.63 -17.86 35.61
CA ILE A 48 3.00 -19.28 35.58
C ILE A 48 3.72 -19.67 36.87
N SER A 49 3.35 -20.75 37.52
CA SER A 49 3.90 -21.21 38.78
C SER A 49 5.29 -21.76 38.65
N PRO A 50 6.07 -21.89 39.73
CA PRO A 50 7.47 -22.28 39.70
C PRO A 50 7.70 -23.62 39.05
N GLY A 51 8.60 -23.73 38.07
CA GLY A 51 8.86 -24.97 37.39
C GLY A 51 8.04 -25.25 36.14
N GLN A 52 6.90 -24.59 35.97
CA GLN A 52 5.96 -24.84 34.91
C GLN A 52 6.37 -24.20 33.58
N ARG A 53 5.78 -24.73 32.49
CA ARG A 53 6.20 -24.29 31.14
C ARG A 53 5.02 -24.19 30.21
N THR A 54 5.03 -23.35 29.20
CA THR A 54 3.93 -23.38 28.22
C THR A 54 4.23 -24.59 27.35
N PRO A 55 3.27 -25.04 26.57
CA PRO A 55 3.58 -26.05 25.57
C PRO A 55 4.53 -25.36 24.57
N ILE A 56 5.18 -26.21 23.80
CA ILE A 56 5.98 -25.81 22.64
C ILE A 56 5.02 -25.42 21.53
N HIS A 57 5.05 -24.18 21.01
CA HIS A 57 4.07 -23.87 19.95
C HIS A 57 4.51 -22.78 18.99
N ARG A 58 3.70 -22.46 17.98
CA ARG A 58 3.98 -21.33 17.09
C ARG A 58 2.64 -20.63 16.79
N HIS A 59 2.69 -19.38 16.28
CA HIS A 59 1.45 -18.75 15.85
C HIS A 59 1.77 -17.65 14.84
N SER A 60 0.99 -17.54 13.77
CA SER A 60 1.25 -16.58 12.71
C SER A 60 0.80 -15.17 13.04
N CYS A 61 1.50 -14.53 13.95
CA CYS A 61 1.17 -13.18 14.41
C CYS A 61 2.38 -12.67 15.19
N GLU A 62 2.46 -11.35 15.46
CA GLU A 62 3.55 -10.91 16.32
C GLU A 62 3.10 -11.15 17.78
N GLU A 63 4.08 -11.28 18.67
CA GLU A 63 3.82 -11.56 20.06
C GLU A 63 4.89 -10.91 20.95
N VAL A 64 4.43 -10.03 21.86
CA VAL A 64 5.40 -9.33 22.71
C VAL A 64 5.08 -9.60 24.18
N PHE A 65 6.05 -9.99 24.96
CA PHE A 65 5.92 -10.28 26.38
C PHE A 65 6.57 -9.20 27.26
N THR A 66 5.98 -8.76 28.35
CA THR A 66 6.64 -7.83 29.26
C THR A 66 6.58 -8.47 30.66
N VAL A 67 7.75 -8.68 31.26
CA VAL A 67 7.81 -9.39 32.54
C VAL A 67 7.62 -8.47 33.73
N LEU A 68 6.47 -8.70 34.36
CA LEU A 68 6.00 -7.85 35.46
C LEU A 68 6.60 -8.31 36.76
N LYS A 69 6.62 -9.65 36.98
CA LYS A 69 7.21 -10.20 38.18
C LYS A 69 7.97 -11.50 37.88
N GLY A 70 8.98 -11.82 38.65
CA GLY A 70 9.62 -13.14 38.51
C GLY A 70 10.64 -13.15 37.41
N LYS A 71 11.03 -14.37 36.99
CA LYS A 71 12.11 -14.54 36.05
C LYS A 71 11.91 -15.89 35.36
N GLY A 72 12.76 -16.18 34.37
CA GLY A 72 12.51 -17.48 33.70
C GLY A 72 13.46 -17.60 32.51
N THR A 73 13.09 -18.54 31.66
CA THR A 73 13.88 -18.88 30.48
C THR A 73 13.02 -19.00 29.22
N LEU A 74 13.42 -18.28 28.19
CA LEU A 74 12.73 -18.39 26.90
C LEU A 74 13.46 -19.43 26.04
N LEU A 75 12.75 -20.41 25.48
CA LEU A 75 13.30 -21.47 24.64
C LEU A 75 12.85 -21.25 23.20
N MET A 76 13.80 -21.09 22.30
CA MET A 76 13.45 -20.73 20.93
C MET A 76 13.96 -21.80 19.94
N GLY A 77 13.07 -22.16 19.01
CA GLY A 77 13.50 -23.14 18.03
C GLY A 77 13.70 -22.48 16.66
N SER A 78 14.01 -23.35 15.69
CA SER A 78 14.26 -22.88 14.33
C SER A 78 13.04 -22.86 13.43
N SER A 79 12.92 -21.78 12.63
CA SER A 79 11.88 -21.80 11.60
C SER A 79 12.50 -22.19 10.26
N SER A 80 13.82 -22.36 10.15
CA SER A 80 14.42 -22.73 8.86
C SER A 80 14.56 -24.24 8.69
N LEU A 81 14.97 -24.97 9.73
CA LEU A 81 14.94 -26.42 9.66
C LEU A 81 13.51 -26.88 9.41
N LYS A 82 13.29 -28.18 9.18
CA LYS A 82 11.95 -28.70 9.01
C LYS A 82 11.29 -28.99 10.36
N TYR A 83 12.04 -28.85 11.44
CA TYR A 83 11.58 -29.06 12.80
C TYR A 83 12.24 -28.00 13.68
N PRO A 84 11.69 -27.72 14.86
CA PRO A 84 12.27 -26.70 15.72
C PRO A 84 13.70 -26.96 16.09
N GLY A 85 14.02 -28.21 16.49
CA GLY A 85 15.37 -28.59 16.84
C GLY A 85 15.73 -28.28 18.29
N GLN A 86 16.85 -28.74 18.81
CA GLN A 86 17.26 -28.41 20.18
C GLN A 86 17.19 -26.87 20.35
N PRO A 87 16.56 -26.42 21.42
CA PRO A 87 16.31 -25.01 21.56
C PRO A 87 17.40 -24.16 22.18
N GLN A 88 17.43 -22.89 21.80
CA GLN A 88 18.33 -21.93 22.45
C GLN A 88 17.65 -21.55 23.78
N GLU A 89 18.34 -21.40 24.87
CA GLU A 89 17.74 -21.06 26.14
C GLU A 89 18.21 -19.63 26.45
N ILE A 90 17.29 -18.71 26.59
CA ILE A 90 17.66 -17.30 26.81
C ILE A 90 17.02 -16.85 28.13
N PRO A 91 17.80 -16.59 29.17
CA PRO A 91 17.33 -16.16 30.46
C PRO A 91 16.61 -14.82 30.40
N PHE A 92 15.58 -14.63 31.19
CA PHE A 92 14.96 -13.28 31.21
C PHE A 92 14.58 -13.03 32.68
N PHE A 93 14.35 -11.78 33.07
CA PHE A 93 14.09 -11.45 34.45
C PHE A 93 13.11 -10.32 34.60
N GLN A 94 12.81 -9.86 35.83
CA GLN A 94 11.82 -8.82 36.06
C GLN A 94 12.08 -7.56 35.26
N ASN A 95 11.11 -6.95 34.57
CA ASN A 95 11.38 -5.73 33.78
C ASN A 95 12.16 -5.98 32.49
N THR A 96 12.01 -7.16 31.88
CA THR A 96 12.61 -7.39 30.57
C THR A 96 11.45 -7.51 29.56
N THR A 97 11.70 -7.43 28.27
CA THR A 97 10.72 -7.59 27.20
C THR A 97 11.25 -8.52 26.14
N PHE A 98 10.38 -9.27 25.45
CA PHE A 98 10.95 -10.09 24.35
C PHE A 98 9.88 -10.22 23.26
N SER A 99 10.22 -10.14 22.00
CA SER A 99 9.26 -10.26 20.90
C SER A 99 9.53 -11.57 20.17
N ILE A 100 8.48 -12.38 19.90
CA ILE A 100 8.74 -13.65 19.22
C ILE A 100 8.52 -13.51 17.71
N PRO A 101 9.54 -13.79 16.89
CA PRO A 101 9.39 -13.70 15.45
C PRO A 101 8.15 -14.48 15.00
N VAL A 102 7.46 -13.90 14.04
CA VAL A 102 6.24 -14.50 13.52
C VAL A 102 6.54 -15.93 13.07
N ASN A 103 5.68 -16.83 13.56
CA ASN A 103 5.78 -18.25 13.28
C ASN A 103 6.94 -19.02 13.85
N ASP A 104 7.81 -18.44 14.68
CA ASP A 104 8.91 -19.25 15.21
C ASP A 104 8.38 -20.12 16.37
N PRO A 105 8.86 -21.35 16.47
CA PRO A 105 8.48 -22.24 17.55
C PRO A 105 9.15 -21.81 18.85
N HIS A 106 8.42 -21.78 19.96
CA HIS A 106 8.97 -21.36 21.22
C HIS A 106 8.26 -21.93 22.43
N GLN A 107 8.87 -21.80 23.59
CA GLN A 107 8.28 -22.22 24.87
C GLN A 107 8.72 -21.28 25.99
N VAL A 108 7.86 -20.91 26.92
CA VAL A 108 8.25 -20.05 28.05
C VAL A 108 8.25 -20.91 29.30
N TRP A 109 9.33 -20.82 30.07
CA TRP A 109 9.50 -21.69 31.23
C TRP A 109 9.74 -20.92 32.52
N ASN A 110 9.02 -21.21 33.58
CA ASN A 110 9.31 -20.55 34.84
C ASN A 110 10.42 -21.38 35.51
N SER A 111 11.66 -21.04 35.18
CA SER A 111 12.76 -21.84 35.75
C SER A 111 13.12 -21.45 37.17
N ASP A 112 12.38 -20.50 37.73
CA ASP A 112 12.57 -20.12 39.13
C ASP A 112 11.79 -21.10 40.00
N GLU A 113 12.36 -21.48 41.13
CA GLU A 113 11.70 -22.39 42.06
C GLU A 113 11.03 -21.57 43.17
N HIS A 114 11.49 -20.31 43.29
CA HIS A 114 11.02 -19.51 44.42
C HIS A 114 9.77 -18.69 44.23
N GLU A 115 9.50 -18.15 43.05
CA GLU A 115 8.37 -17.23 42.90
C GLU A 115 7.72 -17.37 41.51
N ASP A 116 6.48 -17.01 41.47
CA ASP A 116 5.64 -17.03 40.30
C ASP A 116 6.18 -16.07 39.23
N LEU A 117 5.90 -16.43 37.98
CA LEU A 117 6.30 -15.53 36.89
C LEU A 117 5.04 -14.89 36.34
N GLN A 118 4.99 -13.55 36.29
CA GLN A 118 3.83 -12.87 35.72
C GLN A 118 4.22 -12.02 34.51
N VAL A 119 3.54 -12.14 33.39
CA VAL A 119 3.83 -11.47 32.14
C VAL A 119 2.56 -10.83 31.54
N LEU A 120 2.73 -9.70 30.86
CA LEU A 120 1.68 -9.04 30.08
C LEU A 120 2.09 -9.43 28.63
N VAL A 121 1.15 -10.03 27.90
CA VAL A 121 1.45 -10.53 26.56
C VAL A 121 0.55 -9.84 25.51
N ILE A 122 1.12 -9.45 24.37
CA ILE A 122 0.34 -8.78 23.35
C ILE A 122 0.46 -9.58 22.03
N ILE A 123 -0.65 -9.85 21.38
CA ILE A 123 -0.60 -10.47 20.05
C ILE A 123 -1.23 -9.62 18.97
N SER A 124 -0.78 -9.75 17.71
CA SER A 124 -1.48 -9.12 16.58
C SER A 124 -2.47 -10.10 15.92
N ARG A 125 -3.41 -9.62 15.12
CA ARG A 125 -4.35 -10.47 14.34
C ARG A 125 -5.18 -11.44 15.14
N PRO A 126 -5.82 -11.01 16.21
CA PRO A 126 -6.51 -11.92 17.14
C PRO A 126 -7.81 -12.43 16.54
N PRO A 127 -8.32 -13.55 17.03
CA PRO A 127 -7.77 -14.29 18.13
C PRO A 127 -6.66 -15.24 17.68
N ALA A 128 -5.92 -15.75 18.63
CA ALA A 128 -4.77 -16.59 18.38
C ALA A 128 -5.04 -17.87 17.61
N LYS A 129 -4.13 -18.18 16.70
CA LYS A 129 -4.20 -19.45 15.93
C LYS A 129 -2.96 -20.23 16.38
N ILE A 130 -3.04 -21.05 17.40
CA ILE A 130 -1.84 -21.68 17.99
C ILE A 130 -1.66 -23.13 17.52
N PHE A 131 -0.50 -23.43 16.93
CA PHE A 131 -0.17 -24.80 16.51
C PHE A 131 0.73 -25.38 17.60
N LEU A 132 0.43 -26.55 18.15
CA LEU A 132 1.18 -27.19 19.18
C LEU A 132 2.14 -28.27 18.70
N TYR A 133 3.31 -28.31 19.33
CA TYR A 133 4.30 -29.35 19.02
C TYR A 133 4.40 -30.30 20.22
N ASP A 134 4.59 -31.61 20.02
CA ASP A 134 4.76 -32.48 21.18
C ASP A 134 6.18 -32.44 21.76
N ASP A 135 7.14 -32.01 20.98
CA ASP A 135 8.54 -31.95 21.41
C ASP A 135 9.31 -31.13 20.39
N TRP A 136 10.56 -30.69 20.65
CA TRP A 136 11.35 -29.94 19.72
C TRP A 136 11.67 -30.69 18.41
N SER A 137 11.62 -32.03 18.42
CA SER A 137 11.83 -32.83 17.24
C SER A 137 10.62 -32.88 16.29
N MET A 138 9.43 -32.44 16.65
CA MET A 138 8.28 -32.61 15.71
C MET A 138 8.32 -31.71 14.52
N PRO A 139 8.12 -32.20 13.29
CA PRO A 139 8.20 -31.39 12.10
C PRO A 139 7.17 -30.28 12.12
N HIS A 140 7.47 -29.12 11.50
CA HIS A 140 6.49 -28.02 11.47
C HIS A 140 5.19 -28.45 10.80
N THR A 141 5.29 -29.28 9.78
CA THR A 141 4.19 -29.81 9.01
C THR A 141 3.31 -30.74 9.83
N ALA A 142 3.72 -31.28 10.95
CA ALA A 142 2.90 -32.14 11.80
C ALA A 142 2.29 -31.43 13.00
N ALA A 143 2.67 -30.17 13.27
CA ALA A 143 2.18 -29.46 14.43
C ALA A 143 0.64 -29.28 14.33
N VAL A 144 -0.09 -29.35 15.44
CA VAL A 144 -1.54 -29.34 15.31
C VAL A 144 -2.19 -28.03 15.75
N LEU A 145 -3.03 -27.53 14.84
CA LEU A 145 -3.73 -26.27 15.19
C LEU A 145 -4.77 -26.55 16.25
N LYS A 146 -4.77 -25.78 17.35
CA LYS A 146 -5.84 -25.89 18.34
C LYS A 146 -6.62 -24.55 18.31
N PHE A 147 -7.66 -24.50 17.49
CA PHE A 147 -8.47 -23.26 17.41
C PHE A 147 -9.95 -23.59 17.50
N PRO A 148 -10.70 -22.93 18.38
CA PRO A 148 -10.18 -21.90 19.26
C PRO A 148 -9.25 -22.40 20.35
N PHE A 149 -8.37 -21.55 20.86
CA PHE A 149 -7.52 -21.98 21.98
C PHE A 149 -8.36 -22.09 23.27
N VAL A 150 -7.84 -22.62 24.35
CA VAL A 150 -8.63 -22.84 25.56
C VAL A 150 -9.28 -21.62 26.18
N TRP A 151 -8.62 -20.45 26.15
CA TRP A 151 -9.22 -19.24 26.71
C TRP A 151 -10.24 -18.59 25.80
N ASP A 152 -10.46 -19.07 24.57
CA ASP A 152 -11.43 -18.57 23.63
C ASP A 152 -12.54 -19.59 23.39
N GLU A 153 -12.43 -20.85 23.79
CA GLU A 153 -13.48 -21.83 23.50
C GLU A 153 -14.87 -21.41 23.92
N ASP A 154 -15.05 -20.94 25.14
CA ASP A 154 -16.39 -20.56 25.58
C ASP A 154 -17.03 -19.47 24.74
N CYS A 155 -16.31 -18.38 24.44
CA CYS A 155 -16.93 -17.34 23.61
C CYS A 155 -17.11 -17.82 22.17
N PHE A 156 -16.18 -18.61 21.62
CA PHE A 156 -16.35 -19.10 20.25
C PHE A 156 -17.62 -19.96 20.17
N GLU A 157 -17.84 -20.85 21.12
CA GLU A 157 -19.07 -21.69 21.10
C GLU A 157 -20.34 -20.87 21.35
N ALA A 158 -20.28 -19.86 22.22
CA ALA A 158 -21.37 -18.93 22.46
C ALA A 158 -21.71 -18.13 21.21
N ALA A 159 -20.72 -17.71 20.43
CA ALA A 159 -20.94 -16.94 19.20
C ALA A 159 -21.87 -17.61 18.20
N LYS A 160 -21.88 -18.93 18.15
CA LYS A 160 -22.77 -19.65 17.26
C LYS A 160 -24.22 -19.45 17.77
N SER B 1 22.94 0.59 -16.30
CA SER B 1 23.26 1.99 -16.69
C SER B 1 22.15 2.45 -17.65
N CYS B 2 22.19 3.71 -18.03
CA CYS B 2 21.15 4.24 -18.90
C CYS B 2 21.20 3.73 -20.33
N VAL B 3 20.05 3.30 -20.87
CA VAL B 3 19.95 2.88 -22.27
C VAL B 3 19.09 3.97 -22.94
N ARG B 4 19.69 4.86 -23.69
CA ARG B 4 18.93 5.90 -24.39
C ARG B 4 18.81 5.48 -25.86
N ASP B 5 17.67 5.65 -26.52
CA ASP B 5 17.69 5.25 -27.96
C ASP B 5 16.96 6.30 -28.75
N ASN B 6 17.64 7.02 -29.67
CA ASN B 6 16.78 7.94 -30.41
C ASN B 6 16.44 7.47 -31.82
N SER B 7 16.46 6.17 -32.02
CA SER B 7 16.09 5.68 -33.36
C SER B 7 14.57 5.84 -33.54
N LEU B 8 14.11 5.99 -34.80
CA LEU B 8 12.65 6.16 -34.98
C LEU B 8 11.91 4.87 -34.72
N VAL B 9 12.27 3.74 -35.33
CA VAL B 9 11.58 2.47 -35.16
C VAL B 9 12.42 1.55 -34.29
N ARG B 10 11.89 1.06 -33.18
CA ARG B 10 12.67 0.24 -32.28
C ARG B 10 11.95 -1.07 -32.03
N ASP B 11 12.75 -2.11 -31.78
CA ASP B 11 12.18 -3.44 -31.45
C ASP B 11 12.06 -3.53 -29.92
N ILE B 12 10.83 -3.66 -29.42
CA ILE B 12 10.53 -3.77 -28.01
C ILE B 12 11.21 -4.98 -27.37
N SER B 13 11.32 -6.09 -28.14
CA SER B 13 11.95 -7.28 -27.60
C SER B 13 13.45 -7.06 -27.39
N GLN B 14 14.05 -6.07 -28.04
CA GLN B 14 15.44 -5.77 -27.85
C GLN B 14 15.67 -4.65 -26.82
N MET B 15 14.71 -4.01 -26.23
CA MET B 15 14.94 -2.97 -25.21
C MET B 15 15.12 -3.72 -23.89
N PRO B 16 16.12 -3.40 -23.10
CA PRO B 16 16.43 -4.11 -21.86
C PRO B 16 15.35 -4.25 -20.85
N GLN B 17 15.03 -5.44 -20.39
CA GLN B 17 13.94 -5.67 -19.42
C GLN B 17 14.54 -6.00 -18.06
N SER B 18 13.91 -5.55 -16.97
CA SER B 18 14.47 -5.83 -15.66
C SER B 18 13.34 -5.79 -14.64
N SER B 19 13.58 -6.42 -13.50
CA SER B 19 12.64 -6.34 -12.38
C SER B 19 12.97 -5.10 -11.54
N TYR B 20 14.18 -4.56 -11.75
CA TYR B 20 14.69 -3.41 -10.99
C TYR B 20 14.71 -3.72 -9.49
N GLY B 21 14.85 -4.99 -9.12
CA GLY B 21 14.84 -5.50 -7.79
C GLY B 21 13.45 -5.75 -7.20
N ILE B 22 12.38 -5.56 -7.95
CA ILE B 22 11.03 -5.79 -7.44
C ILE B 22 10.60 -7.22 -7.73
N GLU B 23 10.49 -8.07 -6.72
CA GLU B 23 10.17 -9.47 -6.89
C GLU B 23 8.96 -9.75 -7.78
N GLY B 24 9.14 -10.54 -8.82
CA GLY B 24 8.05 -10.90 -9.71
C GLY B 24 7.71 -9.94 -10.84
N LEU B 25 8.30 -8.77 -10.90
CA LEU B 25 8.03 -7.80 -11.96
C LEU B 25 8.98 -7.96 -13.15
N SER B 26 8.56 -7.58 -14.35
CA SER B 26 9.41 -7.51 -15.53
C SER B 26 8.96 -6.17 -16.17
N HIS B 27 9.84 -5.22 -16.38
CA HIS B 27 9.46 -3.92 -16.92
C HIS B 27 10.33 -3.50 -18.09
N ILE B 28 9.69 -2.89 -19.07
CA ILE B 28 10.39 -2.25 -20.18
C ILE B 28 9.74 -0.88 -20.38
N THR B 29 10.56 0.15 -20.51
CA THR B 29 9.99 1.42 -20.94
C THR B 29 9.98 1.39 -22.47
N VAL B 30 8.82 1.35 -23.07
CA VAL B 30 8.60 1.24 -24.50
C VAL B 30 8.95 2.55 -25.22
N ALA B 31 8.47 3.65 -24.66
CA ALA B 31 8.72 4.99 -25.16
C ALA B 31 8.66 5.93 -23.95
N GLY B 32 9.76 6.57 -23.60
CA GLY B 32 9.70 7.48 -22.49
C GLY B 32 10.58 8.72 -22.53
N ALA B 33 10.43 9.49 -21.46
CA ALA B 33 11.10 10.77 -21.32
C ALA B 33 12.61 10.59 -21.22
N LEU B 34 13.08 9.91 -20.20
CA LEU B 34 14.53 9.77 -20.03
C LEU B 34 15.24 8.89 -21.06
N ASN B 35 14.61 7.78 -21.42
CA ASN B 35 15.24 6.89 -22.40
C ASN B 35 15.09 7.40 -23.83
N HIS B 36 13.95 8.00 -24.21
CA HIS B 36 13.68 8.35 -25.60
C HIS B 36 13.36 9.80 -25.95
N GLY B 37 13.39 10.74 -25.02
CA GLY B 37 13.09 12.13 -25.30
C GLY B 37 11.62 12.51 -25.35
N MET B 38 10.68 11.67 -24.93
CA MET B 38 9.26 12.00 -24.95
C MET B 38 9.00 13.11 -23.94
N LYS B 39 8.08 14.03 -24.24
CA LYS B 39 7.79 15.06 -23.25
C LYS B 39 6.35 15.06 -22.72
N GLU B 40 5.43 14.38 -23.41
CA GLU B 40 4.02 14.44 -23.03
C GLU B 40 3.39 13.08 -22.78
N VAL B 41 3.96 12.01 -23.30
CA VAL B 41 3.42 10.66 -23.18
C VAL B 41 4.55 9.68 -22.87
N GLU B 42 4.35 8.68 -22.04
CA GLU B 42 5.33 7.62 -21.75
C GLU B 42 4.56 6.30 -21.63
N VAL B 43 5.16 5.24 -22.19
CA VAL B 43 4.50 3.94 -22.28
C VAL B 43 5.37 2.87 -21.67
N TRP B 44 4.79 2.10 -20.74
CA TRP B 44 5.52 1.00 -20.14
C TRP B 44 4.90 -0.32 -20.57
N LEU B 45 5.64 -1.39 -20.63
CA LEU B 45 5.11 -2.74 -20.81
C LEU B 45 5.51 -3.51 -19.52
N GLN B 46 4.54 -4.01 -18.77
CA GLN B 46 4.90 -4.63 -17.47
C GLN B 46 4.22 -5.96 -17.23
N THR B 47 5.00 -6.94 -16.72
CA THR B 47 4.44 -8.24 -16.37
C THR B 47 4.56 -8.45 -14.85
N ILE B 48 3.49 -8.87 -14.21
CA ILE B 48 3.43 -9.06 -12.75
C ILE B 48 3.17 -10.52 -12.47
N SER B 49 3.87 -11.18 -11.54
CA SER B 49 3.55 -12.63 -11.42
C SER B 49 2.44 -12.90 -10.44
N PRO B 50 1.88 -14.12 -10.44
CA PRO B 50 0.73 -14.47 -9.66
C PRO B 50 0.87 -14.08 -8.21
N GLY B 51 -0.14 -13.38 -7.72
CA GLY B 51 -0.25 -12.91 -6.34
C GLY B 51 0.55 -11.66 -6.06
N GLN B 52 1.39 -11.19 -6.99
CA GLN B 52 2.18 -10.00 -6.68
C GLN B 52 1.28 -8.74 -6.80
N ARG B 53 1.69 -7.72 -6.04
CA ARG B 53 0.96 -6.46 -6.05
C ARG B 53 1.92 -5.28 -6.20
N THR B 54 1.55 -4.23 -6.94
CA THR B 54 2.46 -3.05 -6.95
C THR B 54 2.39 -2.48 -5.54
N PRO B 55 3.23 -1.56 -5.12
CA PRO B 55 3.03 -0.89 -3.83
C PRO B 55 1.79 0.00 -3.89
N ILE B 56 1.33 0.47 -2.73
CA ILE B 56 0.24 1.45 -2.62
C ILE B 56 0.88 2.79 -2.97
N HIS B 57 0.34 3.49 -3.99
CA HIS B 57 0.95 4.70 -4.45
C HIS B 57 0.06 5.70 -5.16
N ARG B 58 0.53 6.95 -5.38
CA ARG B 58 -0.21 7.93 -6.17
C ARG B 58 0.82 8.61 -7.11
N HIS B 59 0.33 9.30 -8.15
CA HIS B 59 1.18 10.08 -9.04
C HIS B 59 0.37 11.17 -9.74
N SER B 60 0.87 12.42 -9.74
CA SER B 60 0.15 13.48 -10.42
C SER B 60 0.24 13.44 -11.94
N CYS B 61 -0.56 12.57 -12.57
CA CYS B 61 -0.54 12.49 -14.02
C CYS B 61 -1.76 11.61 -14.40
N GLU B 62 -2.10 11.60 -15.68
CA GLU B 62 -3.09 10.64 -16.17
C GLU B 62 -2.35 9.30 -16.34
N GLU B 63 -3.11 8.24 -16.09
CA GLU B 63 -2.53 6.90 -16.20
C GLU B 63 -3.57 5.98 -16.84
N VAL B 64 -3.29 5.37 -17.98
CA VAL B 64 -4.29 4.45 -18.57
C VAL B 64 -3.69 3.03 -18.65
N PHE B 65 -4.43 2.02 -18.17
CA PHE B 65 -3.86 0.67 -18.36
C PHE B 65 -4.62 0.02 -19.52
N THR B 66 -3.94 -0.89 -20.19
CA THR B 66 -4.58 -1.77 -21.18
C THR B 66 -4.11 -3.20 -20.85
N VAL B 67 -5.03 -4.13 -20.59
CA VAL B 67 -4.60 -5.49 -20.23
C VAL B 67 -4.45 -6.39 -21.47
N LEU B 68 -3.23 -6.83 -21.72
CA LEU B 68 -2.86 -7.65 -22.85
C LEU B 68 -3.11 -9.12 -22.54
N LYS B 69 -2.82 -9.51 -21.32
CA LYS B 69 -2.92 -10.89 -20.87
C LYS B 69 -3.19 -10.98 -19.37
N GLY B 70 -4.12 -11.83 -18.98
CA GLY B 70 -4.27 -12.03 -17.53
C GLY B 70 -5.51 -11.43 -16.91
N LYS B 71 -5.57 -11.57 -15.58
CA LYS B 71 -6.66 -11.07 -14.77
C LYS B 71 -6.14 -10.45 -13.47
N GLY B 72 -6.93 -9.56 -12.85
CA GLY B 72 -6.41 -8.97 -11.60
C GLY B 72 -7.45 -8.17 -10.86
N THR B 73 -6.98 -7.45 -9.84
CA THR B 73 -7.85 -6.63 -9.02
C THR B 73 -7.27 -5.23 -8.87
N LEU B 74 -8.06 -4.21 -9.26
CA LEU B 74 -7.55 -2.83 -9.07
C LEU B 74 -8.01 -2.38 -7.67
N LEU B 75 -7.16 -1.87 -6.81
CA LEU B 75 -7.57 -1.37 -5.48
C LEU B 75 -7.49 0.15 -5.43
N MET B 76 -8.57 0.84 -5.12
CA MET B 76 -8.64 2.29 -5.18
C MET B 76 -9.00 2.90 -3.83
N GLY B 77 -8.19 3.85 -3.39
CA GLY B 77 -8.35 4.55 -2.13
C GLY B 77 -8.98 5.90 -2.38
N SER B 78 -9.16 6.66 -1.30
CA SER B 78 -9.74 8.00 -1.34
C SER B 78 -8.68 9.10 -1.35
N SER B 79 -8.90 10.17 -2.10
CA SER B 79 -7.99 11.30 -2.08
C SER B 79 -8.60 12.42 -1.24
N SER B 80 -9.84 12.29 -0.75
CA SER B 80 -10.44 13.32 0.09
C SER B 80 -10.23 13.06 1.59
N LEU B 81 -10.20 11.82 2.07
CA LEU B 81 -9.88 11.63 3.49
C LEU B 81 -8.40 11.94 3.73
N LYS B 82 -7.95 11.94 4.98
CA LYS B 82 -6.55 12.19 5.31
C LYS B 82 -5.59 11.09 4.89
N TYR B 83 -6.10 9.90 4.63
CA TYR B 83 -5.30 8.79 4.10
C TYR B 83 -6.18 7.99 3.12
N PRO B 84 -5.59 7.03 2.43
CA PRO B 84 -6.33 6.30 1.40
C PRO B 84 -7.57 5.62 1.94
N GLY B 85 -7.42 4.97 3.12
CA GLY B 85 -8.53 4.29 3.75
C GLY B 85 -8.71 2.88 3.17
N GLN B 86 -9.74 2.19 3.63
CA GLN B 86 -10.00 0.82 3.13
C GLN B 86 -10.28 0.89 1.63
N PRO B 87 -9.60 0.13 0.80
CA PRO B 87 -9.75 0.26 -0.63
C PRO B 87 -10.99 -0.34 -1.27
N GLN B 88 -11.43 0.27 -2.35
CA GLN B 88 -12.48 -0.35 -3.17
C GLN B 88 -11.77 -1.46 -3.97
N GLU B 89 -12.39 -2.57 -4.33
CA GLU B 89 -11.72 -3.65 -5.05
C GLU B 89 -12.50 -3.89 -6.34
N ILE B 90 -11.93 -3.60 -7.50
CA ILE B 90 -12.58 -3.73 -8.79
C ILE B 90 -11.82 -4.73 -9.66
N PRO B 91 -12.49 -5.76 -10.13
CA PRO B 91 -11.89 -6.78 -10.95
C PRO B 91 -11.65 -6.26 -12.37
N PHE B 92 -10.66 -6.75 -13.04
CA PHE B 92 -10.44 -6.44 -14.45
C PHE B 92 -9.98 -7.72 -15.14
N PHE B 93 -9.95 -7.77 -16.47
CA PHE B 93 -9.58 -9.03 -17.17
C PHE B 93 -8.97 -8.73 -18.51
N GLN B 94 -8.67 -9.73 -19.36
CA GLN B 94 -8.03 -9.43 -20.64
C GLN B 94 -8.89 -8.49 -21.50
N ASN B 95 -8.20 -7.55 -22.18
CA ASN B 95 -8.77 -6.59 -23.09
C ASN B 95 -9.59 -5.55 -22.37
N THR B 96 -9.34 -5.30 -21.07
CA THR B 96 -10.02 -4.17 -20.42
C THR B 96 -8.97 -3.03 -20.34
N THR B 97 -9.49 -1.85 -20.08
CA THR B 97 -8.78 -0.62 -19.89
C THR B 97 -9.35 0.15 -18.70
N PHE B 98 -8.44 0.86 -18.00
CA PHE B 98 -8.90 1.65 -16.84
C PHE B 98 -7.98 2.86 -16.73
N SER B 99 -8.57 4.03 -16.46
CA SER B 99 -7.78 5.27 -16.28
C SER B 99 -7.82 5.63 -14.79
N ILE B 100 -6.65 5.74 -14.15
CA ILE B 100 -6.65 6.10 -12.74
C ILE B 100 -6.90 7.62 -12.57
N PRO B 101 -7.91 8.02 -11.85
CA PRO B 101 -8.11 9.45 -11.57
C PRO B 101 -6.81 10.13 -11.13
N VAL B 102 -6.46 11.29 -11.70
CA VAL B 102 -5.19 11.95 -11.39
C VAL B 102 -4.96 12.04 -9.90
N ASN B 103 -3.81 11.58 -9.39
CA ASN B 103 -3.44 11.60 -8.01
C ASN B 103 -4.15 10.70 -7.02
N ASP B 104 -5.08 9.82 -7.39
CA ASP B 104 -5.72 8.96 -6.38
C ASP B 104 -4.74 7.85 -5.98
N PRO B 105 -4.82 7.39 -4.76
CA PRO B 105 -3.97 6.31 -4.25
C PRO B 105 -4.49 4.98 -4.75
N HIS B 106 -3.61 4.11 -5.28
CA HIS B 106 -4.10 2.85 -5.84
C HIS B 106 -3.07 1.74 -5.81
N GLN B 107 -3.53 0.52 -6.08
CA GLN B 107 -2.59 -0.62 -6.08
C GLN B 107 -3.09 -1.64 -7.10
N VAL B 108 -2.18 -2.24 -7.85
CA VAL B 108 -2.66 -3.25 -8.83
C VAL B 108 -2.09 -4.58 -8.33
N TRP B 109 -2.97 -5.54 -8.23
CA TRP B 109 -2.73 -6.87 -7.71
C TRP B 109 -3.18 -7.92 -8.73
N ASN B 110 -2.24 -8.77 -9.08
CA ASN B 110 -2.45 -9.93 -9.91
C ASN B 110 -3.03 -10.97 -8.94
N SER B 111 -4.34 -10.96 -8.77
CA SER B 111 -5.02 -11.91 -7.89
C SER B 111 -5.21 -13.28 -8.55
N ASP B 112 -4.67 -13.55 -9.73
CA ASP B 112 -4.82 -14.90 -10.31
C ASP B 112 -3.86 -15.83 -9.60
N GLU B 113 -4.23 -17.08 -9.28
CA GLU B 113 -3.21 -17.92 -8.61
C GLU B 113 -2.21 -18.61 -9.54
N HIS B 114 -2.55 -18.65 -10.83
CA HIS B 114 -1.70 -19.32 -11.81
C HIS B 114 -1.10 -18.56 -12.97
N GLU B 115 -1.70 -17.47 -13.42
CA GLU B 115 -1.10 -16.86 -14.61
C GLU B 115 -0.63 -15.42 -14.45
N ASP B 116 0.49 -15.13 -15.11
CA ASP B 116 1.12 -13.81 -15.15
C ASP B 116 0.10 -12.76 -15.62
N LEU B 117 0.30 -11.52 -15.21
CA LEU B 117 -0.58 -10.43 -15.68
C LEU B 117 0.30 -9.52 -16.53
N GLN B 118 -0.08 -9.21 -17.76
CA GLN B 118 0.77 -8.35 -18.61
C GLN B 118 -0.05 -7.13 -19.07
N VAL B 119 0.48 -5.93 -18.86
CA VAL B 119 -0.25 -4.72 -19.21
C VAL B 119 0.66 -3.74 -19.95
N LEU B 120 -0.08 -2.88 -20.68
CA LEU B 120 0.55 -1.71 -21.27
C LEU B 120 0.05 -0.52 -20.43
N VAL B 121 0.95 0.35 -20.02
CA VAL B 121 0.59 1.44 -19.11
C VAL B 121 1.03 2.74 -19.80
N ILE B 122 0.13 3.70 -19.89
CA ILE B 122 0.41 4.96 -20.57
C ILE B 122 0.22 6.13 -19.59
N ILE B 123 1.23 6.95 -19.43
CA ILE B 123 1.12 8.07 -18.49
C ILE B 123 1.34 9.38 -19.26
N SER B 124 0.79 10.46 -18.67
CA SER B 124 1.03 11.79 -19.18
C SER B 124 2.13 12.38 -18.27
N ARG B 125 2.65 13.54 -18.59
CA ARG B 125 3.59 14.31 -17.77
C ARG B 125 4.88 13.60 -17.34
N PRO B 126 5.55 12.86 -18.21
CA PRO B 126 6.67 12.02 -17.82
C PRO B 126 7.88 12.79 -17.48
N PRO B 127 8.80 12.21 -16.68
CA PRO B 127 8.71 10.92 -16.08
C PRO B 127 7.82 10.88 -14.85
N ALA B 128 7.42 9.71 -14.37
CA ALA B 128 6.50 9.61 -13.23
C ALA B 128 7.11 10.10 -11.90
N LYS B 129 6.27 10.76 -11.13
CA LYS B 129 6.69 11.19 -9.77
C LYS B 129 5.83 10.39 -8.77
N ILE B 130 6.30 9.24 -8.34
CA ILE B 130 5.52 8.34 -7.48
C ILE B 130 5.71 8.54 -6.01
N PHE B 131 4.64 8.64 -5.24
CA PHE B 131 4.66 8.72 -3.78
C PHE B 131 4.18 7.37 -3.28
N LEU B 132 4.91 6.86 -2.29
CA LEU B 132 4.59 5.54 -1.74
C LEU B 132 3.92 5.51 -0.38
N TYR B 133 2.87 4.70 -0.22
CA TYR B 133 2.22 4.60 1.12
C TYR B 133 2.60 3.24 1.74
N ASP B 134 3.01 3.21 3.02
CA ASP B 134 3.40 1.91 3.56
C ASP B 134 2.19 1.06 3.94
N ASP B 135 1.02 1.67 4.08
CA ASP B 135 -0.20 0.98 4.37
C ASP B 135 -1.39 1.84 3.95
N TRP B 136 -2.60 1.31 3.96
CA TRP B 136 -3.77 2.10 3.57
C TRP B 136 -4.14 3.22 4.54
N SER B 137 -3.57 3.29 5.74
CA SER B 137 -3.95 4.43 6.60
C SER B 137 -2.77 5.39 6.78
N MET B 138 -1.73 5.23 5.97
CA MET B 138 -0.65 6.22 5.98
C MET B 138 -1.21 7.55 5.41
N PRO B 139 -1.11 8.65 6.14
CA PRO B 139 -1.63 9.93 5.66
C PRO B 139 -1.00 10.35 4.34
N HIS B 140 -1.78 11.06 3.50
CA HIS B 140 -1.25 11.54 2.22
C HIS B 140 -0.01 12.42 2.42
N THR B 141 -0.02 13.30 3.43
CA THR B 141 1.12 14.19 3.65
C THR B 141 2.38 13.42 4.04
N ALA B 142 2.27 12.20 4.55
CA ALA B 142 3.42 11.42 4.94
C ALA B 142 3.91 10.48 3.87
N ALA B 143 3.13 10.32 2.78
CA ALA B 143 3.58 9.35 1.76
C ALA B 143 4.93 9.83 1.23
N VAL B 144 5.79 8.87 0.88
CA VAL B 144 7.17 9.23 0.49
C VAL B 144 7.44 9.29 -1.01
N LEU B 145 8.04 10.37 -1.48
CA LEU B 145 8.33 10.53 -2.89
C LEU B 145 9.53 9.67 -3.28
N LYS B 146 9.43 8.88 -4.34
CA LYS B 146 10.60 8.10 -4.75
C LYS B 146 10.93 8.52 -6.17
N PHE B 147 11.69 9.59 -6.29
CA PHE B 147 12.01 10.15 -7.59
C PHE B 147 13.51 10.41 -7.73
N PRO B 148 14.10 9.89 -8.79
CA PRO B 148 13.49 9.06 -9.81
C PRO B 148 13.03 7.70 -9.34
N PHE B 149 12.01 7.09 -9.99
CA PHE B 149 11.60 5.74 -9.62
C PHE B 149 12.66 4.76 -10.13
N VAL B 150 12.57 3.51 -9.71
CA VAL B 150 13.60 2.50 -9.97
C VAL B 150 13.97 2.40 -11.44
N TRP B 151 12.95 2.37 -12.33
CA TRP B 151 13.28 2.25 -13.77
C TRP B 151 13.79 3.49 -14.45
N ASP B 152 13.85 4.62 -13.77
CA ASP B 152 14.42 5.85 -14.26
C ASP B 152 15.72 6.24 -13.52
N GLU B 153 16.15 5.57 -12.49
CA GLU B 153 17.38 5.97 -11.77
C GLU B 153 18.61 6.19 -12.65
N ASP B 154 18.98 5.17 -13.42
CA ASP B 154 20.15 5.28 -14.29
C ASP B 154 20.11 6.42 -15.28
N CYS B 155 19.05 6.60 -16.06
CA CYS B 155 19.06 7.75 -16.98
C CYS B 155 18.91 9.10 -16.31
N PHE B 156 18.32 9.12 -15.09
CA PHE B 156 18.16 10.40 -14.40
C PHE B 156 19.56 10.94 -14.07
N GLU B 157 20.43 10.09 -13.54
CA GLU B 157 21.79 10.45 -13.21
C GLU B 157 22.61 10.90 -14.41
N ALA B 158 22.55 10.10 -15.48
CA ALA B 158 23.26 10.35 -16.72
C ALA B 158 22.82 11.61 -17.45
N ALA B 159 21.67 12.18 -17.11
CA ALA B 159 21.19 13.41 -17.71
C ALA B 159 21.91 14.60 -17.07
N LYS B 160 22.36 14.38 -15.84
CA LYS B 160 23.11 15.38 -15.08
C LYS B 160 24.54 15.51 -15.62
N SER C 1 -22.25 6.88 -34.14
CA SER C 1 -22.82 7.23 -32.82
C SER C 1 -21.80 7.95 -31.94
N CYS C 2 -22.30 8.60 -30.90
CA CYS C 2 -21.44 9.14 -29.87
C CYS C 2 -21.61 8.22 -28.64
N VAL C 3 -20.64 7.39 -28.26
CA VAL C 3 -20.83 6.55 -27.05
C VAL C 3 -20.00 7.11 -25.90
N ARG C 4 -20.58 7.83 -24.96
CA ARG C 4 -19.88 8.42 -23.82
C ARG C 4 -19.86 7.40 -22.70
N ASP C 5 -18.76 7.33 -21.94
CA ASP C 5 -18.64 6.37 -20.86
C ASP C 5 -17.46 6.66 -19.95
N ASN C 6 -17.70 7.15 -18.75
CA ASN C 6 -16.58 7.44 -17.83
C ASN C 6 -16.35 6.34 -16.82
N SER C 7 -16.91 5.13 -17.01
CA SER C 7 -16.76 4.02 -16.09
C SER C 7 -15.29 3.62 -15.93
N LEU C 8 -14.94 3.22 -14.71
CA LEU C 8 -13.54 2.93 -14.39
C LEU C 8 -12.98 1.78 -15.24
N VAL C 9 -13.53 0.57 -15.14
CA VAL C 9 -12.97 -0.52 -15.97
C VAL C 9 -13.88 -0.72 -17.16
N ARG C 10 -13.32 -0.72 -18.39
CA ARG C 10 -14.23 -0.92 -19.53
C ARG C 10 -13.67 -2.04 -20.38
N ASP C 11 -14.58 -2.81 -20.99
CA ASP C 11 -14.13 -3.90 -21.87
C ASP C 11 -13.98 -3.37 -23.30
N ILE C 12 -12.77 -3.41 -23.83
CA ILE C 12 -12.48 -2.89 -25.16
C ILE C 12 -13.25 -3.65 -26.25
N SER C 13 -13.49 -4.95 -26.15
CA SER C 13 -14.31 -5.67 -27.12
C SER C 13 -15.76 -5.19 -27.12
N GLN C 14 -16.25 -4.43 -26.13
CA GLN C 14 -17.62 -3.92 -26.22
C GLN C 14 -17.75 -2.46 -26.61
N MET C 15 -16.61 -1.82 -26.95
CA MET C 15 -16.68 -0.44 -27.44
C MET C 15 -16.93 -0.51 -28.94
N PRO C 16 -17.85 0.25 -29.50
CA PRO C 16 -18.20 0.10 -30.91
C PRO C 16 -17.04 0.47 -31.81
N GLN C 17 -16.87 -0.35 -32.84
CA GLN C 17 -15.82 -0.28 -33.84
C GLN C 17 -16.41 0.09 -35.20
N SER C 18 -15.71 0.93 -35.96
CA SER C 18 -16.17 1.33 -37.30
C SER C 18 -15.00 1.63 -38.24
N SER C 19 -15.24 1.55 -39.56
CA SER C 19 -14.26 2.02 -40.54
C SER C 19 -14.37 3.53 -40.75
N TYR C 20 -15.52 4.09 -40.36
CA TYR C 20 -15.88 5.48 -40.59
C TYR C 20 -15.89 5.79 -42.07
N GLY C 21 -16.16 4.78 -42.90
CA GLY C 21 -16.18 5.00 -44.35
C GLY C 21 -14.83 4.92 -45.01
N ILE C 22 -13.76 4.74 -44.24
CA ILE C 22 -12.40 4.64 -44.70
C ILE C 22 -12.08 3.19 -45.08
N GLU C 23 -11.96 2.90 -46.36
CA GLU C 23 -11.72 1.54 -46.84
C GLU C 23 -10.66 0.73 -46.13
N GLY C 24 -10.99 -0.45 -45.58
CA GLY C 24 -9.94 -1.24 -44.92
C GLY C 24 -9.61 -0.82 -43.48
N LEU C 25 -10.22 0.21 -42.90
CA LEU C 25 -9.94 0.60 -41.50
C LEU C 25 -10.90 -0.03 -40.49
N SER C 26 -10.42 -0.35 -39.29
CA SER C 26 -11.31 -0.77 -38.19
C SER C 26 -10.81 0.05 -36.99
N HIS C 27 -11.63 0.94 -36.45
CA HIS C 27 -11.15 1.82 -35.35
C HIS C 27 -11.98 1.75 -34.08
N ILE C 28 -11.33 1.70 -32.92
CA ILE C 28 -11.97 1.82 -31.63
C ILE C 28 -11.19 2.92 -30.83
N THR C 29 -11.88 3.88 -30.28
CA THR C 29 -11.21 4.80 -29.34
C THR C 29 -11.22 4.12 -27.97
N VAL C 30 -10.08 3.63 -27.50
CA VAL C 30 -9.95 2.88 -26.25
C VAL C 30 -10.19 3.74 -25.00
N ALA C 31 -9.59 4.92 -24.98
CA ALA C 31 -9.69 5.87 -23.87
C ALA C 31 -9.50 7.27 -24.48
N GLY C 32 -10.60 8.04 -24.58
CA GLY C 32 -10.34 9.33 -25.24
C GLY C 32 -10.98 10.56 -24.61
N ALA C 33 -10.76 11.69 -25.26
CA ALA C 33 -11.32 12.95 -24.74
C ALA C 33 -12.83 13.05 -24.79
N LEU C 34 -13.37 13.14 -26.00
CA LEU C 34 -14.86 13.27 -26.09
C LEU C 34 -15.65 12.07 -25.61
N ASN C 35 -15.16 10.85 -25.83
CA ASN C 35 -15.87 9.67 -25.37
C ASN C 35 -15.68 9.44 -23.88
N HIS C 36 -14.50 9.64 -23.25
CA HIS C 36 -14.42 9.16 -21.88
C HIS C 36 -13.93 10.24 -20.92
N GLY C 37 -13.71 11.47 -21.43
CA GLY C 37 -13.25 12.51 -20.51
C GLY C 37 -11.71 12.52 -20.30
N MET C 38 -10.90 11.85 -21.08
CA MET C 38 -9.42 12.06 -20.90
C MET C 38 -9.04 13.47 -21.33
N LYS C 39 -7.98 14.09 -20.80
CA LYS C 39 -7.61 15.43 -21.25
C LYS C 39 -6.14 15.53 -21.67
N GLU C 40 -5.33 14.51 -21.44
CA GLU C 40 -3.88 14.60 -21.72
C GLU C 40 -3.39 13.44 -22.62
N VAL C 41 -4.00 12.27 -22.55
CA VAL C 41 -3.55 11.21 -23.50
C VAL C 41 -4.83 10.59 -24.07
N GLU C 42 -4.76 10.11 -25.29
CA GLU C 42 -5.92 9.43 -25.90
C GLU C 42 -5.36 8.23 -26.64
N VAL C 43 -6.03 7.11 -26.46
CA VAL C 43 -5.63 5.82 -26.97
C VAL C 43 -6.56 5.22 -28.03
N TRP C 44 -6.00 4.79 -29.17
CA TRP C 44 -6.83 4.20 -30.22
C TRP C 44 -6.36 2.77 -30.49
N LEU C 45 -7.25 1.90 -30.90
CA LEU C 45 -6.84 0.55 -31.34
C LEU C 45 -7.26 0.55 -32.83
N GLN C 46 -6.38 0.33 -33.77
CA GLN C 46 -6.76 0.37 -35.18
C GLN C 46 -6.20 -0.83 -35.93
N THR C 47 -7.01 -1.38 -36.82
CA THR C 47 -6.53 -2.45 -37.73
C THR C 47 -6.70 -1.91 -39.17
N ILE C 48 -5.70 -2.10 -40.03
CA ILE C 48 -5.77 -1.64 -41.41
C ILE C 48 -5.49 -2.80 -42.37
N SER C 49 -6.30 -2.96 -43.41
CA SER C 49 -6.09 -4.15 -44.28
C SER C 49 -4.99 -3.98 -45.31
N PRO C 50 -4.60 -5.07 -45.96
CA PRO C 50 -3.46 -5.14 -46.86
C PRO C 50 -3.46 -4.12 -47.99
N GLY C 51 -2.33 -3.43 -48.14
CA GLY C 51 -2.27 -2.38 -49.14
C GLY C 51 -2.76 -1.02 -48.73
N GLN C 52 -3.58 -0.86 -47.68
CA GLN C 52 -4.09 0.49 -47.38
C GLN C 52 -3.10 1.43 -46.72
N ARG C 53 -3.33 2.73 -46.86
CA ARG C 53 -2.45 3.74 -46.27
C ARG C 53 -3.26 4.82 -45.53
N THR C 54 -2.68 5.49 -44.56
CA THR C 54 -3.37 6.64 -43.96
C THR C 54 -3.13 7.77 -44.96
N PRO C 55 -3.90 8.82 -44.93
CA PRO C 55 -3.55 9.98 -45.75
C PRO C 55 -2.21 10.53 -45.27
N ILE C 56 -1.56 11.36 -46.09
CA ILE C 56 -0.35 12.08 -45.68
C ILE C 56 -0.82 13.20 -44.75
N HIS C 57 -0.33 13.24 -43.51
CA HIS C 57 -0.88 14.28 -42.61
C HIS C 57 0.02 14.67 -41.47
N ARG C 58 -0.37 15.71 -40.72
CA ARG C 58 0.43 16.09 -39.56
C ARG C 58 -0.54 16.45 -38.42
N HIS C 59 -0.05 16.57 -37.20
CA HIS C 59 -0.82 16.95 -36.03
C HIS C 59 0.10 17.50 -34.95
N SER C 60 -0.31 18.53 -34.23
CA SER C 60 0.55 19.14 -33.22
C SER C 60 0.38 18.46 -31.87
N CYS C 61 0.98 17.27 -31.76
CA CYS C 61 0.93 16.49 -30.52
C CYS C 61 1.96 15.38 -30.64
N GLU C 62 2.29 14.66 -29.60
CA GLU C 62 3.18 13.52 -29.69
C GLU C 62 2.27 12.33 -30.09
N GLU C 63 2.81 11.34 -30.73
CA GLU C 63 2.00 10.21 -31.22
C GLU C 63 2.82 8.94 -31.11
N VAL C 64 2.47 7.94 -30.33
CA VAL C 64 3.30 6.74 -30.20
C VAL C 64 2.52 5.55 -30.77
N PHE C 65 3.16 4.77 -31.61
CA PHE C 65 2.52 3.58 -32.18
C PHE C 65 3.13 2.33 -31.54
N THR C 66 2.44 1.25 -31.30
CA THR C 66 3.00 0.02 -30.79
C THR C 66 2.37 -1.06 -31.72
N VAL C 67 3.21 -1.85 -32.42
CA VAL C 67 2.64 -2.80 -33.36
C VAL C 67 2.25 -4.12 -32.73
N LEU C 68 0.94 -4.38 -32.69
CA LEU C 68 0.47 -5.61 -32.03
C LEU C 68 0.54 -6.82 -32.94
N LYS C 69 0.17 -6.65 -34.21
CA LYS C 69 0.17 -7.77 -35.16
C LYS C 69 0.56 -7.24 -36.54
N GLY C 70 1.18 -8.01 -37.43
CA GLY C 70 1.48 -7.51 -38.76
C GLY C 70 2.75 -6.72 -38.94
N LYS C 71 2.89 -6.14 -40.13
CA LYS C 71 4.06 -5.45 -40.65
C LYS C 71 3.67 -4.26 -41.53
N GLY C 72 4.61 -3.35 -41.78
CA GLY C 72 4.19 -2.22 -42.64
C GLY C 72 5.37 -1.29 -42.93
N THR C 73 5.03 -0.16 -43.55
CA THR C 73 6.08 0.83 -43.82
C THR C 73 5.65 2.20 -43.31
N LEU C 74 6.56 2.85 -42.61
CA LEU C 74 6.35 4.20 -42.11
C LEU C 74 7.01 5.19 -43.08
N LEU C 75 6.27 6.21 -43.52
CA LEU C 75 6.83 7.24 -44.41
C LEU C 75 6.89 8.56 -43.65
N MET C 76 8.06 9.15 -43.50
CA MET C 76 8.22 10.37 -42.70
C MET C 76 8.70 11.53 -43.57
N GLY C 77 8.08 12.70 -43.52
CA GLY C 77 8.64 13.82 -44.32
C GLY C 77 9.23 14.85 -43.35
N SER C 78 9.52 16.06 -43.79
CA SER C 78 10.14 17.07 -42.91
C SER C 78 9.18 18.18 -42.54
N SER C 79 9.35 18.70 -41.32
CA SER C 79 8.52 19.77 -40.77
C SER C 79 9.17 21.14 -40.94
N SER C 80 10.43 21.15 -41.36
CA SER C 80 11.24 22.34 -41.48
C SER C 80 11.48 22.88 -42.87
N LEU C 81 11.41 22.10 -43.93
CA LEU C 81 11.46 22.59 -45.31
C LEU C 81 10.14 23.35 -45.51
N LYS C 82 9.76 23.87 -46.66
CA LYS C 82 8.49 24.55 -46.86
C LYS C 82 7.31 23.59 -47.09
N TYR C 83 7.64 22.42 -47.56
CA TYR C 83 6.76 21.29 -47.84
C TYR C 83 7.43 20.04 -47.28
N PRO C 84 6.70 18.94 -47.21
CA PRO C 84 7.22 17.72 -46.62
C PRO C 84 8.43 17.16 -47.36
N GLY C 85 8.47 17.19 -48.68
CA GLY C 85 9.60 16.64 -49.43
C GLY C 85 9.46 15.15 -49.55
N GLN C 86 10.14 14.49 -50.49
CA GLN C 86 10.10 13.03 -50.60
C GLN C 86 10.44 12.43 -49.25
N PRO C 87 9.69 11.44 -48.77
CA PRO C 87 9.84 10.94 -47.42
C PRO C 87 10.87 9.84 -47.22
N GLN C 88 11.25 9.65 -45.97
CA GLN C 88 12.10 8.50 -45.61
C GLN C 88 11.12 7.33 -45.53
N GLU C 89 11.48 6.12 -45.89
CA GLU C 89 10.63 4.96 -45.80
C GLU C 89 11.31 3.96 -44.84
N ILE C 90 10.66 3.64 -43.73
CA ILE C 90 11.24 2.78 -42.69
C ILE C 90 10.34 1.59 -42.47
N PRO C 91 10.81 0.36 -42.65
CA PRO C 91 10.04 -0.83 -42.38
C PRO C 91 9.76 -1.01 -40.90
N PHE C 92 8.62 -1.57 -40.52
CA PHE C 92 8.29 -1.91 -39.14
C PHE C 92 7.63 -3.28 -39.10
N PHE C 93 7.57 -3.87 -37.91
CA PHE C 93 7.03 -5.25 -37.81
C PHE C 93 6.46 -5.56 -36.44
N GLN C 94 5.89 -6.74 -36.17
CA GLN C 94 5.31 -6.99 -34.85
C GLN C 94 6.24 -6.66 -33.70
N ASN C 95 5.72 -6.01 -32.65
CA ASN C 95 6.44 -5.72 -31.44
C ASN C 95 7.53 -4.65 -31.70
N THR C 96 7.25 -3.71 -32.63
CA THR C 96 8.11 -2.56 -32.82
C THR C 96 7.30 -1.34 -32.32
N THR C 97 7.96 -0.22 -32.01
CA THR C 97 7.24 1.00 -31.62
C THR C 97 7.92 2.14 -32.35
N PHE C 98 7.21 3.24 -32.60
CA PHE C 98 7.80 4.43 -33.21
C PHE C 98 7.04 5.64 -32.69
N SER C 99 7.69 6.77 -32.44
CA SER C 99 6.99 7.99 -31.98
C SER C 99 7.14 9.04 -33.06
N ILE C 100 6.11 9.73 -33.50
CA ILE C 100 6.19 10.74 -34.56
C ILE C 100 6.49 12.09 -33.93
N PRO C 101 7.67 12.68 -34.11
CA PRO C 101 7.94 14.01 -33.56
C PRO C 101 6.81 14.95 -33.92
N VAL C 102 6.47 15.91 -33.08
CA VAL C 102 5.37 16.86 -33.20
C VAL C 102 5.35 17.60 -34.52
N ASN C 103 4.23 17.56 -35.23
CA ASN C 103 4.07 18.25 -36.50
C ASN C 103 4.69 17.64 -37.72
N ASP C 104 5.51 16.59 -37.60
CA ASP C 104 6.18 16.00 -38.76
C ASP C 104 5.14 15.34 -39.64
N PRO C 105 5.19 15.61 -40.95
CA PRO C 105 4.27 15.02 -41.92
C PRO C 105 4.55 13.55 -42.06
N HIS C 106 3.55 12.65 -42.06
CA HIS C 106 3.81 11.23 -42.15
C HIS C 106 2.65 10.43 -42.69
N GLN C 107 2.92 9.17 -43.07
CA GLN C 107 1.87 8.29 -43.60
C GLN C 107 2.20 6.87 -43.12
N VAL C 108 1.22 6.09 -42.72
CA VAL C 108 1.50 4.73 -42.28
C VAL C 108 0.87 3.83 -43.36
N TRP C 109 1.65 2.90 -43.90
CA TRP C 109 1.14 2.03 -44.96
C TRP C 109 1.25 0.55 -44.62
N ASN C 110 0.14 -0.19 -44.80
CA ASN C 110 0.18 -1.62 -44.56
C ASN C 110 0.69 -2.19 -45.88
N SER C 111 2.02 -2.31 -46.00
CA SER C 111 2.55 -2.82 -47.28
C SER C 111 2.55 -4.33 -47.38
N ASP C 112 1.95 -5.06 -46.43
CA ASP C 112 1.94 -6.50 -46.50
C ASP C 112 0.90 -6.92 -47.54
N GLU C 113 1.12 -8.00 -48.29
CA GLU C 113 0.15 -8.31 -49.32
C GLU C 113 -1.02 -9.13 -48.81
N HIS C 114 -0.85 -9.75 -47.63
CA HIS C 114 -1.84 -10.62 -47.07
C HIS C 114 -2.32 -10.40 -45.65
N GLU C 115 -1.53 -9.86 -44.74
CA GLU C 115 -1.91 -9.83 -43.31
C GLU C 115 -2.35 -8.47 -42.82
N ASP C 116 -3.41 -8.43 -42.02
CA ASP C 116 -3.90 -7.15 -41.47
C ASP C 116 -2.82 -6.58 -40.57
N LEU C 117 -2.79 -5.26 -40.39
CA LEU C 117 -1.84 -4.61 -39.48
C LEU C 117 -2.61 -4.09 -38.25
N GLN C 118 -2.31 -4.47 -37.02
CA GLN C 118 -3.05 -3.94 -35.87
C GLN C 118 -2.14 -3.14 -34.95
N VAL C 119 -2.50 -1.85 -34.69
CA VAL C 119 -1.60 -1.07 -33.82
C VAL C 119 -2.36 -0.46 -32.63
N LEU C 120 -1.62 0.00 -31.59
CA LEU C 120 -2.27 0.77 -30.54
C LEU C 120 -1.65 2.17 -30.68
N VAL C 121 -2.45 3.23 -30.77
CA VAL C 121 -1.85 4.54 -31.09
C VAL C 121 -2.15 5.46 -29.91
N ILE C 122 -1.19 6.20 -29.41
CA ILE C 122 -1.40 7.05 -28.24
C ILE C 122 -1.08 8.51 -28.62
N ILE C 123 -2.00 9.45 -28.43
CA ILE C 123 -1.63 10.83 -28.76
C ILE C 123 -1.69 11.70 -27.48
N SER C 124 -0.99 12.83 -27.53
CA SER C 124 -1.13 13.78 -26.41
C SER C 124 -2.08 14.87 -26.85
N ARG C 125 -2.42 15.78 -25.90
CA ARG C 125 -3.36 16.90 -26.22
C ARG C 125 -4.58 16.53 -27.04
N PRO C 126 -5.42 15.59 -26.62
CA PRO C 126 -6.58 15.21 -27.41
C PRO C 126 -7.74 16.17 -27.30
N PRO C 127 -8.69 16.13 -28.24
CA PRO C 127 -8.70 15.28 -29.41
C PRO C 127 -7.71 15.68 -30.51
N ALA C 128 -7.47 14.83 -31.49
CA ALA C 128 -6.51 15.06 -32.58
C ALA C 128 -6.93 16.20 -33.52
N LYS C 129 -5.96 17.02 -33.88
CA LYS C 129 -6.17 18.14 -34.80
C LYS C 129 -5.33 17.83 -36.04
N ILE C 130 -5.91 17.10 -37.00
CA ILE C 130 -5.20 16.61 -38.17
C ILE C 130 -5.24 17.50 -39.39
N PHE C 131 -4.07 17.81 -39.98
CA PHE C 131 -4.01 18.53 -41.25
C PHE C 131 -3.69 17.52 -42.37
N LEU C 132 -4.37 17.56 -43.51
CA LEU C 132 -4.17 16.62 -44.58
C LEU C 132 -3.43 17.18 -45.80
N TYR C 133 -2.50 16.40 -46.34
CA TYR C 133 -1.76 16.90 -47.51
C TYR C 133 -2.20 16.14 -48.74
N ASP C 134 -2.29 16.75 -49.94
CA ASP C 134 -2.67 15.87 -51.05
C ASP C 134 -1.43 15.13 -51.58
N ASP C 135 -0.24 15.65 -51.35
CA ASP C 135 0.94 14.87 -51.74
C ASP C 135 2.14 15.43 -51.02
N TRP C 136 3.30 14.81 -51.23
CA TRP C 136 4.50 15.23 -50.52
C TRP C 136 5.06 16.56 -50.99
N SER C 137 4.53 17.13 -52.07
CA SER C 137 5.02 18.44 -52.51
C SER C 137 4.11 19.55 -52.05
N MET C 138 2.99 19.25 -51.40
CA MET C 138 2.04 20.29 -50.95
C MET C 138 2.64 21.06 -49.79
N PRO C 139 2.70 22.38 -49.92
CA PRO C 139 3.26 23.23 -48.89
C PRO C 139 2.56 23.04 -47.56
N HIS C 140 3.29 23.23 -46.45
CA HIS C 140 2.69 23.06 -45.12
C HIS C 140 1.57 24.07 -44.89
N THR C 141 1.71 25.29 -45.46
CA THR C 141 0.67 26.29 -45.33
C THR C 141 -0.59 25.94 -46.09
N ALA C 142 -0.56 25.04 -47.07
CA ALA C 142 -1.76 24.65 -47.79
C ALA C 142 -2.47 23.41 -47.26
N ALA C 143 -1.86 22.64 -46.35
CA ALA C 143 -2.52 21.45 -45.79
C ALA C 143 -3.83 21.86 -45.15
N VAL C 144 -4.85 21.04 -45.29
CA VAL C 144 -6.21 21.31 -44.85
C VAL C 144 -6.60 20.64 -43.52
N LEU C 145 -6.97 21.44 -42.56
CA LEU C 145 -7.39 20.96 -41.25
C LEU C 145 -8.70 20.21 -41.39
N LYS C 146 -8.82 19.02 -40.82
CA LYS C 146 -10.07 18.26 -40.86
C LYS C 146 -10.44 17.96 -39.41
N PHE C 147 -11.13 18.88 -38.74
CA PHE C 147 -11.45 18.75 -37.32
C PHE C 147 -12.91 19.13 -37.11
N PRO C 148 -13.68 18.26 -36.49
CA PRO C 148 -13.25 16.97 -35.95
C PRO C 148 -12.91 15.90 -36.96
N PHE C 149 -11.99 14.99 -36.61
CA PHE C 149 -11.70 13.93 -37.62
C PHE C 149 -12.83 12.91 -37.61
N VAL C 150 -12.91 11.94 -38.51
CA VAL C 150 -14.07 11.06 -38.62
C VAL C 150 -14.50 10.32 -37.37
N TRP C 151 -13.58 9.83 -36.54
CA TRP C 151 -13.94 9.16 -35.28
C TRP C 151 -14.34 10.11 -34.16
N ASP C 152 -14.30 11.43 -34.36
CA ASP C 152 -14.75 12.36 -33.34
C ASP C 152 -15.98 13.16 -33.80
N GLU C 153 -16.40 13.04 -35.04
CA GLU C 153 -17.53 13.82 -35.56
C GLU C 153 -18.81 13.79 -34.72
N ASP C 154 -19.29 12.58 -34.45
CA ASP C 154 -20.58 12.44 -33.70
C ASP C 154 -20.56 13.02 -32.32
N CYS C 155 -19.51 12.76 -31.52
CA CYS C 155 -19.38 13.32 -30.19
C CYS C 155 -19.12 14.84 -30.23
N PHE C 156 -18.32 15.32 -31.17
CA PHE C 156 -18.05 16.75 -31.30
C PHE C 156 -19.36 17.51 -31.56
N GLU C 157 -20.21 17.00 -32.44
CA GLU C 157 -21.48 17.67 -32.69
C GLU C 157 -22.37 17.57 -31.43
N ALA C 158 -22.26 16.52 -30.63
CA ALA C 158 -23.07 16.36 -29.44
C ALA C 158 -22.55 17.12 -28.22
N ALA C 159 -21.33 17.61 -28.24
CA ALA C 159 -20.81 18.36 -27.10
C ALA C 159 -21.03 19.86 -27.30
N LYS C 160 -21.39 20.27 -28.51
CA LYS C 160 -21.59 21.68 -28.79
C LYS C 160 -22.67 22.28 -27.87
N SER D 1 18.46 10.96 21.06
CA SER D 1 19.20 9.89 20.33
C SER D 1 18.25 8.87 19.74
N CYS D 2 18.70 8.09 18.77
CA CYS D 2 17.91 6.94 18.27
C CYS D 2 18.65 5.68 18.76
N VAL D 3 18.08 4.87 19.61
CA VAL D 3 18.69 3.67 20.14
C VAL D 3 17.99 2.47 19.47
N ARG D 4 18.69 1.83 18.56
CA ARG D 4 18.14 0.67 17.84
C ARG D 4 18.59 -0.59 18.57
N ASP D 5 17.78 -1.61 18.63
CA ASP D 5 18.20 -2.88 19.24
C ASP D 5 17.19 -3.98 18.88
N ASN D 6 17.57 -4.86 17.93
CA ASN D 6 16.64 -5.97 17.68
C ASN D 6 16.94 -7.24 18.48
N SER D 7 17.71 -7.36 19.57
CA SER D 7 17.86 -8.73 20.07
C SER D 7 16.51 -8.99 20.80
N LEU D 8 16.45 -10.31 20.99
CA LEU D 8 15.35 -10.97 21.58
C LEU D 8 15.10 -10.52 23.01
N VAL D 9 16.00 -10.68 23.99
CA VAL D 9 15.57 -10.22 25.32
C VAL D 9 16.19 -8.88 25.68
N ARG D 10 15.39 -7.87 26.05
CA ARG D 10 15.99 -6.56 26.33
C ARG D 10 15.55 -6.08 27.70
N ASP D 11 16.42 -5.35 28.39
CA ASP D 11 16.09 -4.86 29.73
C ASP D 11 15.50 -3.46 29.67
N ILE D 12 14.25 -3.32 30.08
CA ILE D 12 13.50 -2.07 30.06
C ILE D 12 14.21 -0.99 30.88
N SER D 13 14.75 -1.36 32.04
CA SER D 13 15.48 -0.42 32.89
C SER D 13 16.69 0.19 32.19
N GLN D 14 17.22 -0.40 31.13
CA GLN D 14 18.38 0.11 30.44
C GLN D 14 18.04 0.84 29.15
N MET D 15 16.76 0.94 28.81
CA MET D 15 16.36 1.65 27.58
C MET D 15 16.17 3.11 28.01
N PRO D 16 16.95 4.00 27.48
CA PRO D 16 16.98 5.38 27.92
C PRO D 16 15.59 5.99 27.84
N GLN D 17 15.23 6.63 28.94
CA GLN D 17 13.92 7.27 29.05
C GLN D 17 14.07 8.77 28.91
N SER D 18 13.06 9.43 28.41
CA SER D 18 13.08 10.89 28.30
C SER D 18 11.67 11.46 28.37
N SER D 19 11.58 12.76 28.71
CA SER D 19 10.32 13.47 28.60
C SER D 19 10.15 13.94 27.16
N TYR D 20 11.13 13.96 26.27
CA TYR D 20 11.04 14.47 24.91
C TYR D 20 10.47 15.88 24.90
N GLY D 21 10.78 16.67 25.93
CA GLY D 21 10.30 18.03 26.06
C GLY D 21 8.87 18.21 26.53
N ILE D 22 8.16 17.11 26.83
CA ILE D 22 6.79 17.17 27.31
C ILE D 22 6.84 17.28 28.82
N GLU D 23 6.56 18.45 29.40
CA GLU D 23 6.72 18.56 30.87
C GLU D 23 5.99 17.49 31.67
N GLY D 24 6.68 16.88 32.65
CA GLY D 24 6.01 15.90 33.51
C GLY D 24 5.92 14.47 32.97
N LEU D 25 6.28 14.23 31.74
CA LEU D 25 6.25 12.88 31.14
C LEU D 25 7.59 12.16 31.29
N SER D 26 7.58 10.83 31.39
CA SER D 26 8.76 10.02 31.30
C SER D 26 8.33 8.88 30.30
N HIS D 27 9.01 8.69 29.21
CA HIS D 27 8.61 7.71 28.21
C HIS D 27 9.73 6.73 27.87
N ILE D 28 9.33 5.47 27.67
CA ILE D 28 10.28 4.47 27.13
C ILE D 28 9.50 3.68 26.06
N THR D 29 9.98 3.54 24.82
CA THR D 29 9.27 2.60 23.93
C THR D 29 9.77 1.22 24.32
N VAL D 30 8.96 0.34 24.90
CA VAL D 30 9.43 -0.97 25.35
C VAL D 30 9.74 -1.89 24.15
N ALA D 31 8.85 -1.81 23.18
CA ALA D 31 8.99 -2.59 21.93
C ALA D 31 8.32 -1.85 20.75
N GLY D 32 9.12 -1.42 19.76
CA GLY D 32 8.46 -0.66 18.71
C GLY D 32 9.05 -0.77 17.32
N ALA D 33 8.34 -0.15 16.37
CA ALA D 33 8.68 -0.19 14.96
C ALA D 33 10.07 0.33 14.62
N LEU D 34 10.26 1.61 14.84
CA LEU D 34 11.52 2.28 14.50
C LEU D 34 12.66 1.88 15.41
N ASN D 35 12.46 1.62 16.70
CA ASN D 35 13.66 1.28 17.50
C ASN D 35 13.97 -0.21 17.39
N HIS D 36 13.00 -1.11 17.28
CA HIS D 36 13.31 -2.53 17.38
C HIS D 36 12.82 -3.37 16.20
N GLY D 37 12.09 -2.82 15.23
CA GLY D 37 11.74 -3.67 14.06
C GLY D 37 10.33 -4.21 14.11
N MET D 38 9.49 -3.84 15.06
CA MET D 38 8.10 -4.36 15.08
C MET D 38 7.32 -3.89 13.86
N LYS D 39 6.35 -4.73 13.41
CA LYS D 39 5.54 -4.35 12.24
C LYS D 39 4.06 -4.20 12.49
N GLU D 40 3.51 -4.80 13.53
CA GLU D 40 2.08 -4.86 13.80
C GLU D 40 1.68 -4.36 15.17
N VAL D 41 2.57 -4.41 16.16
CA VAL D 41 2.24 -3.89 17.49
C VAL D 41 3.46 -3.13 18.06
N GLU D 42 3.15 -2.20 18.94
CA GLU D 42 4.17 -1.37 19.60
C GLU D 42 3.68 -1.09 21.00
N VAL D 43 4.59 -1.13 21.97
CA VAL D 43 4.33 -1.00 23.40
C VAL D 43 5.12 0.13 24.05
N TRP D 44 4.47 1.02 24.79
CA TRP D 44 5.16 2.10 25.48
C TRP D 44 4.98 2.03 27.01
N LEU D 45 5.93 2.46 27.82
CA LEU D 45 5.84 2.59 29.26
C LEU D 45 5.94 4.09 29.58
N GLN D 46 4.88 4.66 30.15
CA GLN D 46 4.84 6.10 30.35
C GLN D 46 4.45 6.43 31.79
N THR D 47 5.08 7.42 32.35
CA THR D 47 4.74 7.97 33.66
C THR D 47 4.37 9.45 33.49
N ILE D 48 3.21 9.86 33.99
CA ILE D 48 2.67 11.21 33.94
C ILE D 48 2.64 11.83 35.33
N SER D 49 3.14 13.08 35.55
CA SER D 49 3.11 13.59 36.93
C SER D 49 1.77 14.18 37.30
N PRO D 50 1.52 14.41 38.61
CA PRO D 50 0.24 14.89 39.09
C PRO D 50 -0.32 16.07 38.36
N GLY D 51 -1.58 16.05 37.93
CA GLY D 51 -2.17 17.20 37.23
C GLY D 51 -1.83 17.28 35.73
N GLN D 52 -0.87 16.52 35.20
CA GLN D 52 -0.58 16.64 33.77
C GLN D 52 -1.61 15.97 32.88
N ARG D 53 -1.78 16.45 31.65
CA ARG D 53 -2.69 15.86 30.70
C ARG D 53 -1.98 15.65 29.35
N THR D 54 -2.35 14.59 28.65
CA THR D 54 -1.87 14.45 27.28
C THR D 54 -2.64 15.47 26.41
N PRO D 55 -2.17 15.82 25.22
CA PRO D 55 -2.94 16.63 24.32
C PRO D 55 -4.20 15.88 23.86
N ILE D 56 -5.22 16.60 23.43
CA ILE D 56 -6.41 15.94 22.84
C ILE D 56 -6.00 15.41 21.48
N HIS D 57 -6.20 14.09 21.19
CA HIS D 57 -5.71 13.60 19.91
C HIS D 57 -6.43 12.35 19.42
N ARG D 58 -6.09 11.90 18.20
CA ARG D 58 -6.71 10.68 17.68
C ARG D 58 -5.60 9.94 16.91
N HIS D 59 -5.79 8.63 16.70
CA HIS D 59 -4.82 7.95 15.83
C HIS D 59 -5.58 6.79 15.18
N SER D 60 -5.37 6.47 13.92
CA SER D 60 -6.11 5.46 13.22
C SER D 60 -5.48 4.07 13.50
N CYS D 61 -5.69 3.61 14.73
CA CYS D 61 -5.15 2.35 15.17
C CYS D 61 -5.88 1.95 16.45
N GLU D 62 -5.74 0.68 16.87
CA GLU D 62 -6.36 0.33 18.14
C GLU D 62 -5.36 0.79 19.21
N GLU D 63 -5.85 0.97 20.44
CA GLU D 63 -4.90 1.42 21.48
C GLU D 63 -5.36 1.01 22.86
N VAL D 64 -4.60 0.24 23.60
CA VAL D 64 -5.01 -0.31 24.91
C VAL D 64 -4.02 0.17 25.98
N PHE D 65 -4.61 0.66 27.08
CA PHE D 65 -3.91 1.09 28.24
C PHE D 65 -4.12 0.10 29.41
N THR D 66 -3.09 -0.08 30.20
CA THR D 66 -3.14 -0.87 31.42
C THR D 66 -2.49 -0.01 32.51
N VAL D 67 -3.18 0.17 33.63
CA VAL D 67 -2.65 1.07 34.66
C VAL D 67 -1.80 0.39 35.72
N LEU D 68 -0.52 0.63 35.71
CA LEU D 68 0.37 -0.03 36.66
C LEU D 68 0.35 0.58 38.04
N LYS D 69 0.24 1.90 38.13
CA LYS D 69 0.28 2.59 39.43
C LYS D 69 -0.50 3.88 39.32
N GLY D 70 -1.21 4.37 40.34
CA GLY D 70 -1.82 5.69 40.28
C GLY D 70 -3.28 5.62 39.82
N LYS D 71 -3.81 6.80 39.54
CA LYS D 71 -5.19 7.00 39.20
C LYS D 71 -5.30 8.15 38.20
N GLY D 72 -6.44 8.25 37.55
CA GLY D 72 -6.65 9.41 36.66
C GLY D 72 -8.06 9.43 36.07
N THR D 73 -8.20 10.18 34.96
CA THR D 73 -9.49 10.35 34.29
C THR D 73 -9.30 10.29 32.77
N LEU D 74 -10.11 9.48 32.12
CA LEU D 74 -10.09 9.33 30.68
C LEU D 74 -11.10 10.25 30.04
N LEU D 75 -10.74 11.10 29.10
CA LEU D 75 -11.68 11.94 28.37
C LEU D 75 -11.82 11.45 26.92
N MET D 76 -13.02 11.10 26.45
CA MET D 76 -13.16 10.58 25.09
C MET D 76 -14.28 11.25 24.30
N GLY D 77 -14.00 11.59 23.03
CA GLY D 77 -15.11 12.18 22.25
C GLY D 77 -15.57 11.27 21.13
N SER D 78 -16.28 11.76 20.11
CA SER D 78 -16.66 10.86 19.03
C SER D 78 -15.95 11.13 17.70
N SER D 79 -15.87 10.12 16.85
CA SER D 79 -15.24 10.23 15.54
C SER D 79 -16.28 10.32 14.42
N SER D 80 -17.58 10.33 14.71
CA SER D 80 -18.54 10.39 13.61
C SER D 80 -19.12 11.73 13.22
N LEU D 81 -19.46 12.62 14.12
CA LEU D 81 -19.95 13.97 13.82
C LEU D 81 -18.78 14.79 13.29
N LYS D 82 -18.94 16.02 12.82
CA LYS D 82 -17.86 16.83 12.31
C LYS D 82 -16.82 17.26 13.36
N TYR D 83 -17.15 17.25 14.65
CA TYR D 83 -16.14 17.53 15.66
C TYR D 83 -16.35 16.59 16.86
N PRO D 84 -15.35 16.50 17.72
CA PRO D 84 -15.35 15.66 18.90
C PRO D 84 -16.52 15.87 19.85
N GLY D 85 -16.93 17.10 20.12
CA GLY D 85 -18.08 17.33 21.04
C GLY D 85 -17.58 17.26 22.48
N GLN D 86 -18.47 17.62 23.42
CA GLN D 86 -18.11 17.61 24.82
C GLN D 86 -17.82 16.14 25.16
N PRO D 87 -16.71 15.88 25.82
CA PRO D 87 -16.30 14.50 26.05
C PRO D 87 -16.96 13.77 27.21
N GLN D 88 -16.91 12.43 27.14
CA GLN D 88 -17.25 11.57 28.28
C GLN D 88 -16.09 11.68 29.27
N GLU D 89 -16.22 11.78 30.58
CA GLU D 89 -15.07 11.84 31.48
C GLU D 89 -15.15 10.67 32.43
N ILE D 90 -14.25 9.68 32.37
CA ILE D 90 -14.43 8.47 33.17
C ILE D 90 -13.21 8.25 34.05
N PRO D 91 -13.45 8.12 35.36
CA PRO D 91 -12.36 7.89 36.25
C PRO D 91 -11.81 6.47 36.09
N PHE D 92 -10.51 6.33 36.26
CA PHE D 92 -9.85 5.01 36.28
C PHE D 92 -8.86 4.95 37.44
N PHE D 93 -8.42 3.77 37.84
CA PHE D 93 -7.51 3.60 38.98
C PHE D 93 -6.50 2.50 38.76
N GLN D 94 -5.65 2.16 39.73
CA GLN D 94 -4.64 1.14 39.54
C GLN D 94 -5.25 -0.19 39.15
N ASN D 95 -4.60 -0.87 38.22
CA ASN D 95 -5.05 -2.16 37.69
C ASN D 95 -6.37 -2.12 36.93
N THR D 96 -6.68 -1.02 36.22
CA THR D 96 -7.79 -0.92 35.28
C THR D 96 -7.19 -0.94 33.83
N THR D 97 -8.04 -1.20 32.85
CA THR D 97 -7.66 -1.18 31.44
C THR D 97 -8.77 -0.49 30.64
N PHE D 98 -8.41 0.15 29.51
CA PHE D 98 -9.39 0.79 28.64
C PHE D 98 -8.86 0.82 27.20
N SER D 99 -9.75 0.57 26.21
CA SER D 99 -9.22 0.58 24.82
C SER D 99 -9.86 1.75 24.10
N ILE D 100 -9.13 2.44 23.27
CA ILE D 100 -9.72 3.65 22.59
C ILE D 100 -10.19 3.28 21.20
N PRO D 101 -11.45 3.23 20.89
CA PRO D 101 -11.87 2.86 19.51
C PRO D 101 -11.11 3.62 18.44
N VAL D 102 -10.90 3.03 17.26
CA VAL D 102 -10.12 3.64 16.19
C VAL D 102 -10.58 5.05 15.89
N ASN D 103 -9.67 6.02 15.87
CA ASN D 103 -9.96 7.41 15.51
C ASN D 103 -10.75 8.21 16.54
N ASP D 104 -11.22 7.69 17.65
CA ASP D 104 -11.91 8.51 18.65
C ASP D 104 -10.96 9.52 19.26
N PRO D 105 -11.32 10.79 19.31
CA PRO D 105 -10.52 11.78 20.01
C PRO D 105 -10.53 11.53 21.51
N HIS D 106 -9.38 11.59 22.16
CA HIS D 106 -9.22 11.34 23.58
C HIS D 106 -8.08 12.09 24.24
N GLN D 107 -8.21 12.13 25.59
CA GLN D 107 -7.18 12.73 26.42
C GLN D 107 -7.06 11.98 27.74
N VAL D 108 -5.85 11.74 28.25
CA VAL D 108 -5.64 11.06 29.52
C VAL D 108 -5.07 12.06 30.55
N TRP D 109 -5.75 12.23 31.67
CA TRP D 109 -5.37 13.21 32.68
C TRP D 109 -5.06 12.56 34.04
N ASN D 110 -3.91 12.89 34.60
CA ASN D 110 -3.52 12.37 35.91
C ASN D 110 -4.15 13.39 36.89
N SER D 111 -5.38 13.10 37.26
CA SER D 111 -6.13 13.96 38.16
C SER D 111 -5.79 13.78 39.64
N ASP D 112 -4.84 12.91 39.99
CA ASP D 112 -4.45 12.76 41.39
C ASP D 112 -3.55 13.94 41.76
N GLU D 113 -3.71 14.43 43.00
CA GLU D 113 -2.86 15.57 43.37
C GLU D 113 -1.47 15.18 43.83
N HIS D 114 -1.24 13.94 44.25
CA HIS D 114 0.08 13.57 44.75
C HIS D 114 0.81 12.43 44.08
N GLU D 115 0.17 11.44 43.46
CA GLU D 115 0.97 10.30 42.99
C GLU D 115 1.09 10.30 41.46
N ASP D 116 2.22 9.78 41.01
CA ASP D 116 2.50 9.67 39.57
C ASP D 116 1.57 8.63 38.96
N LEU D 117 1.23 8.72 37.68
CA LEU D 117 0.40 7.71 37.03
C LEU D 117 1.34 6.93 36.11
N GLN D 118 1.37 5.58 36.18
CA GLN D 118 2.25 4.85 35.32
C GLN D 118 1.42 3.84 34.53
N VAL D 119 1.51 3.91 33.20
CA VAL D 119 0.75 3.00 32.35
C VAL D 119 1.59 2.27 31.31
N LEU D 120 1.07 1.11 30.88
CA LEU D 120 1.61 0.47 29.67
C LEU D 120 0.62 0.77 28.57
N VAL D 121 1.06 1.23 27.39
CA VAL D 121 0.18 1.55 26.27
C VAL D 121 0.49 0.64 25.08
N ILE D 122 -0.48 0.02 24.43
CA ILE D 122 -0.18 -0.86 23.28
C ILE D 122 -0.91 -0.36 22.03
N ILE D 123 -0.29 -0.31 20.86
CA ILE D 123 -1.01 0.22 19.70
C ILE D 123 -0.85 -0.79 18.55
N SER D 124 -1.78 -0.70 17.60
CA SER D 124 -1.59 -1.45 16.36
C SER D 124 -1.01 -0.53 15.29
N ARG D 125 -0.71 -1.07 14.09
CA ARG D 125 -0.12 -0.41 12.93
C ARG D 125 0.91 0.68 13.21
N PRO D 126 1.99 0.39 13.93
CA PRO D 126 3.00 1.36 14.29
C PRO D 126 3.89 1.71 13.12
N PRO D 127 4.51 2.90 13.17
CA PRO D 127 4.46 3.78 14.32
C PRO D 127 3.22 4.65 14.38
N ALA D 128 2.93 5.30 15.46
CA ALA D 128 1.78 6.13 15.61
C ALA D 128 1.79 7.37 14.70
N LYS D 129 0.58 7.60 14.16
CA LYS D 129 0.26 8.77 13.35
C LYS D 129 -0.75 9.62 14.12
N ILE D 130 -0.26 10.50 14.98
CA ILE D 130 -1.15 11.23 15.90
C ILE D 130 -1.56 12.57 15.30
N PHE D 131 -2.90 12.82 15.31
CA PHE D 131 -3.42 14.10 14.82
C PHE D 131 -3.82 14.88 16.07
N LEU D 132 -3.43 16.13 16.27
CA LEU D 132 -3.69 16.84 17.52
C LEU D 132 -4.83 17.83 17.44
N TYR D 133 -5.69 17.90 18.46
CA TYR D 133 -6.78 18.88 18.44
C TYR D 133 -6.47 20.03 19.41
N ASP D 134 -6.83 21.29 19.16
CA ASP D 134 -6.52 22.20 20.29
C ASP D 134 -7.69 22.23 21.27
N ASP D 135 -8.88 21.77 20.94
CA ASP D 135 -9.92 21.77 21.99
C ASP D 135 -11.02 20.87 21.47
N TRP D 136 -11.98 20.50 22.30
CA TRP D 136 -13.02 19.58 21.80
C TRP D 136 -13.92 20.10 20.71
N SER D 137 -13.88 21.39 20.33
CA SER D 137 -14.72 21.86 19.23
C SER D 137 -13.99 21.95 17.90
N MET D 138 -12.71 21.63 17.88
CA MET D 138 -11.99 21.65 16.57
C MET D 138 -12.51 20.53 15.68
N PRO D 139 -12.91 20.79 14.44
CA PRO D 139 -13.39 19.78 13.54
C PRO D 139 -12.31 18.76 13.21
N HIS D 140 -12.75 17.51 12.96
CA HIS D 140 -11.83 16.42 12.68
C HIS D 140 -10.93 16.69 11.50
N THR D 141 -11.42 17.33 10.43
CA THR D 141 -10.61 17.61 9.26
C THR D 141 -9.50 18.59 9.59
N ALA D 142 -9.67 19.40 10.64
CA ALA D 142 -8.71 20.39 11.01
C ALA D 142 -7.62 19.87 11.94
N ALA D 143 -7.76 18.71 12.58
CA ALA D 143 -6.66 18.24 13.45
C ALA D 143 -5.35 18.14 12.71
N VAL D 144 -4.25 18.50 13.36
CA VAL D 144 -2.87 18.54 12.83
C VAL D 144 -2.03 17.29 13.03
N LEU D 145 -1.60 16.65 11.96
CA LEU D 145 -0.80 15.44 12.04
C LEU D 145 0.56 15.83 12.60
N LYS D 146 1.12 15.18 13.58
CA LYS D 146 2.46 15.45 14.09
C LYS D 146 3.22 14.12 13.87
N PHE D 147 3.75 13.88 12.67
CA PHE D 147 4.42 12.62 12.36
C PHE D 147 5.74 12.82 11.66
N PRO D 148 6.78 12.21 12.19
CA PRO D 148 6.79 11.40 13.38
C PRO D 148 6.55 12.12 14.67
N PHE D 149 6.07 11.40 15.70
CA PHE D 149 5.79 11.98 17.01
C PHE D 149 7.16 12.17 17.69
N VAL D 150 7.20 12.97 18.77
CA VAL D 150 8.52 13.27 19.32
C VAL D 150 9.33 12.09 19.77
N TRP D 151 8.75 11.03 20.32
CA TRP D 151 9.61 9.89 20.71
C TRP D 151 10.05 9.01 19.53
N ASP D 152 9.63 9.31 18.31
CA ASP D 152 10.09 8.57 17.12
C ASP D 152 10.96 9.46 16.20
N GLU D 153 11.10 10.75 16.50
CA GLU D 153 11.80 11.62 15.56
C GLU D 153 13.23 11.19 15.21
N ASP D 154 14.05 10.98 16.22
CA ASP D 154 15.45 10.65 15.89
C ASP D 154 15.55 9.37 15.04
N CYS D 155 14.83 8.33 15.46
CA CYS D 155 14.90 7.09 14.65
C CYS D 155 14.17 7.22 13.32
N PHE D 156 13.10 8.00 13.18
CA PHE D 156 12.46 8.20 11.88
C PHE D 156 13.47 8.86 10.94
N GLU D 157 14.10 9.94 11.39
CA GLU D 157 15.18 10.54 10.52
C GLU D 157 16.27 9.57 10.19
N ALA D 158 16.76 8.71 11.06
CA ALA D 158 17.82 7.74 10.78
C ALA D 158 17.41 6.65 9.81
N ALA D 159 16.14 6.41 9.59
CA ALA D 159 15.65 5.36 8.72
C ALA D 159 15.32 5.80 7.31
N LYS D 160 15.47 7.04 6.93
CA LYS D 160 15.14 7.45 5.56
C LYS D 160 15.96 6.75 4.48
C1 NAG E . 11.02 -0.97 35.05
C2 NAG E . 10.53 -0.54 36.40
C3 NAG E . 9.76 0.78 36.24
C4 NAG E . 10.72 1.82 35.64
C5 NAG E . 11.33 1.28 34.33
C6 NAG E . 12.43 2.19 33.81
C7 NAG E . 9.76 -2.55 37.70
C8 NAG E . 8.63 -3.53 37.65
N2 NAG E . 9.54 -1.47 36.94
O3 NAG E . 9.27 1.21 37.49
O4 NAG E . 9.89 2.99 35.44
O5 NAG E . 11.98 0.02 34.58
O6 NAG E . 13.45 2.34 34.76
O7 NAG E . 10.71 -2.63 38.33
C1 NAG E . 10.55 4.20 35.85
C2 NAG E . 9.74 5.36 35.28
C3 NAG E . 10.21 6.72 35.84
C4 NAG E . 10.27 6.65 37.40
C5 NAG E . 11.08 5.41 37.84
C6 NAG E . 11.11 5.18 39.35
C7 NAG E . 8.72 5.22 33.02
C8 NAG E . 9.00 5.30 31.55
N2 NAG E . 9.83 5.40 33.80
O3 NAG E . 9.26 7.72 35.45
O4 NAG E . 10.88 7.83 37.91
O5 NAG E . 10.37 4.26 37.30
O6 NAG E . 9.89 5.16 39.95
O7 NAG E . 7.65 5.05 33.41
C1 BMA E . 9.95 8.77 38.44
C2 BMA E . 10.73 9.58 39.54
C3 BMA E . 9.87 10.73 39.96
C4 BMA E . 9.48 11.58 38.75
C5 BMA E . 8.72 10.58 37.81
C6 BMA E . 7.92 11.28 36.79
O2 BMA E . 11.94 10.08 39.03
O3 BMA E . 10.58 11.57 40.90
O4 BMA E . 8.54 12.52 39.19
O5 BMA E . 9.66 9.65 37.31
O6 BMA E . 8.92 12.02 35.96
C1 MAN E . 8.76 13.09 34.93
C2 MAN E . 9.83 13.72 34.02
C3 MAN E . 10.74 14.42 35.04
C4 MAN E . 10.14 15.49 35.89
C5 MAN E . 9.04 14.74 36.64
C6 MAN E . 8.26 15.56 37.63
O2 MAN E . 9.29 14.65 33.11
O3 MAN E . 11.84 15.01 34.28
O4 MAN E . 11.11 16.08 36.76
O5 MAN E . 8.12 14.12 35.72
O6 MAN E . 7.75 16.65 36.74
C1 MAN E . 13.31 14.81 34.22
C2 MAN E . 14.26 15.71 33.39
C3 MAN E . 13.96 15.41 31.94
C4 MAN E . 14.16 13.94 31.61
C5 MAN E . 13.24 13.10 32.52
C6 MAN E . 13.45 11.60 32.42
O2 MAN E . 15.56 15.43 33.89
O3 MAN E . 14.78 16.27 31.12
O4 MAN E . 13.96 13.65 30.23
O5 MAN E . 13.50 13.45 33.88
O6 MAN E . 12.33 10.91 32.91
C1 MAN E . 7.09 17.93 36.93
C2 MAN E . 6.60 18.99 35.93
C3 MAN E . 7.89 19.56 35.37
C4 MAN E . 8.78 20.15 36.42
C5 MAN E . 9.06 19.12 37.56
C6 MAN E . 9.69 19.77 38.78
O2 MAN E . 5.79 19.91 36.61
O3 MAN E . 7.42 20.48 34.41
O4 MAN E . 10.01 20.60 35.86
O5 MAN E . 7.84 18.54 38.01
O6 MAN E . 10.35 18.76 39.51
C1 NAG F . -9.70 -6.71 -27.97
C2 NAG F . -9.05 -7.83 -28.77
C3 NAG F . -8.79 -7.39 -30.20
C4 NAG F . -10.10 -6.87 -30.85
C5 NAG F . -10.73 -5.80 -29.93
C6 NAG F . -12.05 -5.32 -30.48
C7 NAG F . -7.47 -9.24 -27.45
C8 NAG F . -6.01 -9.40 -27.20
N2 NAG F . -7.73 -8.18 -28.25
O3 NAG F . -8.32 -8.49 -30.97
O4 NAG F . -9.74 -6.29 -32.11
O5 NAG F . -10.93 -6.36 -28.62
O6 NAG F . -12.94 -6.38 -30.52
O7 NAG F . -8.29 -9.91 -27.01
C1 NAG F . -10.56 -6.58 -33.19
C2 NAG F . -10.23 -5.60 -34.33
C3 NAG F . -10.99 -5.95 -35.61
C4 NAG F . -10.71 -7.43 -35.95
C5 NAG F . -11.00 -8.35 -34.75
C6 NAG F . -10.61 -9.83 -34.89
C7 NAG F . -9.68 -3.23 -33.97
C8 NAG F . -10.28 -1.86 -33.72
N2 NAG F . -10.61 -4.21 -33.99
O3 NAG F . -10.47 -5.10 -36.66
O4 NAG F . -11.50 -7.84 -37.09
O5 NAG F . -10.22 -7.90 -33.65
O6 NAG F . -9.29 -10.03 -35.15
O7 NAG F . -8.54 -3.42 -34.11
C1 BMA F . -10.71 -7.91 -38.28
C2 BMA F . -11.31 -9.03 -39.21
C3 BMA F . -10.58 -8.95 -40.53
C4 BMA F . -10.63 -7.58 -41.20
C5 BMA F . -10.05 -6.65 -40.11
C6 BMA F . -9.93 -5.22 -40.45
O2 BMA F . -12.70 -8.77 -39.38
O3 BMA F . -11.16 -9.87 -41.49
O4 BMA F . -9.84 -7.57 -42.38
O5 BMA F . -10.90 -6.67 -38.93
O6 BMA F . -11.22 -4.79 -41.08
C1 MAN F . -11.51 -3.69 -42.00
C2 MAN F . -12.88 -2.97 -42.10
C3 MAN F . -13.66 -4.10 -42.74
C4 MAN F . -13.26 -4.58 -44.09
C5 MAN F . -11.84 -5.14 -43.88
C6 MAN F . -11.10 -5.64 -45.09
O2 MAN F . -12.80 -1.81 -42.83
O3 MAN F . -15.02 -3.61 -42.74
O4 MAN F . -14.19 -5.54 -44.57
O5 MAN F . -11.03 -4.14 -43.28
O6 MAN F . -11.30 -4.56 -46.10
C1 MAN F . -16.30 -3.90 -42.11
C2 MAN F . -17.61 -3.24 -42.56
C3 MAN F . -17.60 -1.82 -42.03
C4 MAN F . -17.42 -1.81 -40.54
C5 MAN F . -16.12 -2.53 -40.14
C6 MAN F . -16.12 -2.81 -38.58
O2 MAN F . -18.67 -3.98 -41.99
O3 MAN F . -18.87 -1.32 -42.43
O4 MAN F . -17.42 -0.49 -40.04
O5 MAN F . -15.97 -3.82 -40.69
O6 MAN F . -14.74 -2.91 -38.32
C1 MAN F . -11.11 -4.45 -47.56
C2 MAN F . -11.16 -3.10 -48.36
C3 MAN F . -12.62 -2.76 -48.43
C4 MAN F . -13.45 -3.83 -49.03
C5 MAN F . -13.31 -5.16 -48.21
C6 MAN F . -14.12 -6.24 -48.91
O2 MAN F . -10.43 -3.27 -49.55
O3 MAN F . -12.84 -1.50 -49.05
O4 MAN F . -14.79 -3.47 -49.04
O5 MAN F . -11.93 -5.49 -48.10
O6 MAN F . -13.93 -7.47 -48.24
C1 NAG G . 7.16 -8.08 -27.12
C2 NAG G . 6.28 -9.27 -26.84
C3 NAG G . 6.10 -9.43 -25.33
C4 NAG G . 7.47 -9.46 -24.63
C5 NAG G . 8.31 -8.22 -25.02
C6 NAG G . 9.68 -8.20 -24.40
C7 NAG G . 4.34 -9.44 -28.43
C8 NAG G . 2.98 -8.87 -28.72
N2 NAG G . 4.90 -8.95 -27.31
O3 NAG G . 5.33 -10.60 -25.07
O4 NAG G . 7.15 -9.41 -23.22
O5 NAG G . 8.43 -8.20 -26.43
O6 NAG G . 10.46 -9.31 -24.75
O7 NAG G . 4.88 -10.20 -29.06
C1 NAG G . 7.90 -10.34 -22.46
C2 NAG G . 7.68 -10.01 -20.99
C3 NAG G . 8.41 -11.02 -20.13
C4 NAG G . 7.94 -12.46 -20.46
C5 NAG G . 8.10 -12.67 -22.00
C6 NAG G . 7.52 -13.98 -22.50
C7 NAG G . 7.56 -7.66 -20.22
C8 NAG G . 8.36 -6.48 -19.82
N2 NAG G . 8.29 -8.69 -20.72
O3 NAG G . 8.04 -10.73 -18.78
O4 NAG G . 8.75 -13.42 -19.71
O5 NAG G . 7.37 -11.66 -22.70
O6 NAG G . 6.26 -14.26 -22.00
O7 NAG G . 6.41 -7.70 -20.11
C1 BMA G . 7.99 -14.04 -18.68
C2 BMA G . 8.54 -15.49 -18.47
C3 BMA G . 8.06 -16.13 -17.17
C4 BMA G . 8.30 -15.18 -16.02
C5 BMA G . 7.58 -13.87 -16.44
C6 BMA G . 7.36 -12.87 -15.34
O2 BMA G . 9.94 -15.44 -18.38
O3 BMA G . 8.92 -17.29 -17.05
O4 BMA G . 7.77 -15.61 -14.79
O5 BMA G . 8.31 -13.29 -17.51
O6 BMA G . 8.69 -12.55 -14.77
C1 MAN G . 9.26 -11.99 -13.54
C2 MAN G . 10.70 -11.51 -13.19
C3 MAN G . 11.42 -12.83 -13.06
C4 MAN G . 10.95 -13.75 -11.96
C5 MAN G . 9.49 -14.05 -12.37
C6 MAN G . 8.70 -15.02 -11.53
O2 MAN G . 10.73 -10.73 -12.03
O3 MAN G . 12.84 -12.57 -12.90
O4 MAN G . 11.80 -14.88 -12.00
O5 MAN G . 8.77 -12.79 -12.46
O6 MAN G . 8.85 -14.53 -10.15
C1 MAN G . 14.19 -12.54 -13.44
C2 MAN G . 15.61 -12.25 -12.85
C3 MAN G . 15.59 -10.74 -12.66
C4 MAN G . 15.45 -10.06 -14.00
C5 MAN G . 14.10 -10.48 -14.62
C6 MAN G . 13.87 -9.93 -16.02
O2 MAN G . 16.55 -12.73 -13.79
O3 MAN G . 16.72 -10.32 -11.90
O4 MAN G . 15.57 -8.65 -13.88
O5 MAN G . 14.00 -11.91 -14.70
O6 MAN G . 12.52 -10.07 -16.35
C1 MAN G . 8.96 -14.73 -8.69
C2 MAN G . 9.56 -14.03 -7.45
C3 MAN G . 11.04 -14.38 -7.48
C4 MAN G . 11.28 -15.87 -7.46
C5 MAN G . 10.53 -16.53 -8.64
C6 MAN G . 10.57 -18.05 -8.60
O2 MAN G . 9.00 -14.38 -6.20
O3 MAN G . 11.59 -13.72 -6.34
O4 MAN G . 12.66 -16.15 -7.56
O5 MAN G . 9.17 -16.13 -8.59
O6 MAN G . 10.12 -18.57 -9.83
C1 NAG H . -4.13 -6.91 38.84
C2 NAG H . -2.93 -7.12 39.73
C3 NAG H . -2.37 -8.51 39.51
C4 NAG H . -3.47 -9.61 39.60
C5 NAG H . -4.67 -9.21 38.70
C6 NAG H . -5.84 -10.17 38.81
C7 NAG H . -1.68 -4.95 40.00
C8 NAG H . -0.63 -4.11 39.38
N2 NAG H . -1.86 -6.15 39.39
O3 NAG H . -1.36 -8.85 40.46
O4 NAG H . -2.87 -10.83 39.11
O5 NAG H . -5.11 -7.92 39.13
O6 NAG H . -6.31 -10.31 40.09
O7 NAG H . -2.33 -4.64 40.88
C1 NAG H . -3.20 -11.98 39.89
C2 NAG H . -2.67 -13.20 39.13
C3 NAG H . -2.86 -14.45 39.99
C4 NAG H . -2.19 -14.25 41.39
C5 NAG H . -2.75 -12.94 41.99
C6 NAG H . -2.15 -12.62 43.36
C7 NAG H . -2.87 -13.20 36.62
C8 NAG H . -3.81 -13.51 35.50
N2 NAG H . -3.43 -13.28 37.83
O3 NAG H . -2.24 -15.54 39.35
O4 NAG H . -2.41 -15.34 42.31
O5 NAG H . -2.40 -11.88 41.11
O6 NAG H . -0.76 -12.72 43.29
O7 NAG H . -1.77 -12.92 36.47
C1 BMA H . -1.39 -16.28 42.33
C2 BMA H . -1.41 -17.07 43.68
C3 BMA H . -0.19 -17.98 43.67
C4 BMA H . -0.34 -18.96 42.51
C5 BMA H . -0.51 -18.08 41.23
C6 BMA H . -0.43 -18.76 39.93
O2 BMA H . -2.60 -17.83 43.66
O3 BMA H . 0.03 -18.64 44.93
O4 BMA H . 0.78 -19.81 42.32
O5 BMA H . -1.70 -17.28 41.34
O6 BMA H . -1.30 -19.90 39.75
C1 MAN H . -1.78 -21.21 39.32
C2 MAN H . -3.29 -21.66 39.24
C3 MAN H . -3.64 -22.27 40.57
C4 MAN H . -2.69 -23.18 41.30
C5 MAN H . -1.30 -22.50 41.21
C6 MAN H . -0.13 -23.16 41.86
O2 MAN H . -3.45 -22.49 38.11
O3 MAN H . -4.85 -23.07 40.31
O4 MAN H . -3.20 -23.38 42.61
O5 MAN H . -1.03 -22.33 39.80
O6 MAN H . 0.11 -24.49 41.39
C1 MAN H . -6.29 -23.10 40.31
C2 MAN H . -7.66 -23.83 40.42
C3 MAN H . -8.25 -23.57 39.04
C4 MAN H . -8.50 -22.11 38.81
C5 MAN H . -7.25 -21.25 39.13
C6 MAN H . -7.56 -19.78 39.40
O2 MAN H . -8.37 -23.25 41.47
O3 MAN H . -9.39 -24.42 38.94
O4 MAN H . -8.84 -21.87 37.46
O5 MAN H . -6.53 -21.70 40.26
O6 MAN H . -6.35 -19.10 39.13
C1 MAN H . 0.40 -25.92 41.19
C2 MAN H . 0.17 -26.88 39.98
C3 MAN H . -1.29 -27.33 40.00
C4 MAN H . -1.78 -27.89 41.30
C5 MAN H . -1.45 -26.84 42.40
C6 MAN H . -1.84 -27.32 43.79
O2 MAN H . 1.13 -27.90 39.99
O3 MAN H . -1.49 -28.22 38.90
O4 MAN H . -3.18 -28.08 41.39
O5 MAN H . -0.06 -26.57 42.38
O6 MAN H . -1.12 -26.51 44.68
ZN ZN I . 3.57 -17.86 21.96
C1 NLA J . 0.69 -19.88 27.00
C2 NLA J . 0.84 -19.29 25.74
C3 NLA J . 0.56 -20.01 24.56
C4 NLA J . 0.09 -21.35 24.66
C5 NLA J . -0.11 -21.93 25.88
C6 NLA J . 0.19 -21.24 27.07
C7 NLA J . 0.03 -21.85 28.37
C8 NLA J . 0.33 -21.15 29.51
C9 NLA J . 0.79 -19.81 29.45
C10 NLA J . 0.96 -19.17 28.23
C11 NLA J . 1.38 -17.81 25.59
C12 NLA J . 2.32 -17.72 24.44
O1 NLA J . 3.60 -18.00 24.43
O2 NLA J . 1.67 -17.38 23.36
ZN ZN K . -0.01 4.00 -10.70
C1 NLA L . 4.20 -0.44 -10.74
C2 NLA L . 3.52 0.76 -10.98
C3 NLA L . 3.76 1.90 -10.15
C4 NLA L . 4.64 1.78 -9.07
C5 NLA L . 5.30 0.63 -8.80
C6 NLA L . 5.10 -0.50 -9.61
C7 NLA L . 5.79 -1.75 -9.36
C8 NLA L . 5.55 -2.84 -10.17
C9 NLA L . 4.68 -2.78 -11.29
C10 NLA L . 3.99 -1.62 -11.57
C11 NLA L . 2.51 0.94 -12.16
C12 NLA L . 1.42 1.89 -11.74
O1 NLA L . 0.29 1.61 -11.16
O2 NLA L . 1.84 3.14 -11.98
ZN ZN M . -0.49 10.59 -37.33
C1 NLA N . -5.09 7.14 -39.40
C2 NLA N . -4.37 8.08 -38.63
C3 NLA N . -4.46 9.45 -38.91
C4 NLA N . -5.24 9.88 -40.02
C5 NLA N . -5.95 9.02 -40.77
C6 NLA N . -5.92 7.63 -40.51
C7 NLA N . -6.64 6.70 -41.34
C8 NLA N . -6.59 5.35 -41.05
C9 NLA N . -5.80 4.85 -39.97
C10 NLA N . -5.08 5.71 -39.16
C11 NLA N . -3.49 7.68 -37.40
C12 NLA N . -2.33 8.57 -37.21
O1 NLA N . -1.20 8.41 -37.87
O2 NLA N . -2.56 9.56 -36.38
ZN ZN O . -3.88 8.01 22.22
C1 NLA P . 0.68 10.65 25.09
C2 NLA P . -0.05 9.87 24.18
C3 NLA P . -0.38 10.35 22.87
C4 NLA P . 0.07 11.64 22.52
C5 NLA P . 0.78 12.43 23.36
C6 NLA P . 1.12 11.97 24.65
C7 NLA P . 1.89 12.75 25.58
C8 NLA P . 2.16 12.27 26.84
C9 NLA P . 1.76 10.99 27.26
C10 NLA P . 1.01 10.19 26.42
C11 NLA P . -0.57 8.46 24.60
C12 NLA P . -1.87 8.18 23.93
O1 NLA P . -3.03 8.51 24.42
O2 NLA P . -1.67 7.66 22.72
#